data_1LNY
#
_entry.id   1LNY
#
_cell.length_a   128.500
_cell.length_b   70.120
_cell.length_c   105.130
_cell.angle_alpha   90.00
_cell.angle_beta   90.46
_cell.angle_gamma   90.00
#
_symmetry.space_group_name_H-M   'C 1 2 1'
#
loop_
_entity.id
_entity.type
_entity.pdbx_description
1 polymer 'Adenylosuccinate Synthetase'
2 non-polymer 'MAGNESIUM ION'
3 non-polymer '6-O-PHOSPHORYL INOSINE MONOPHOSPHATE'
4 non-polymer "GUANOSINE-5'-DIPHOSPHATE"
5 water water
#
_entity_poly.entity_id   1
_entity_poly.type   'polypeptide(L)'
_entity_poly.pdbx_seq_one_letter_code
;MSGTRASNDRPPGTGGVKRGRLQQEAAATGSRVTVVLGAQWGDEGKGKVVDLLATDADIVSRCQGGNNAGHTVVVDGKEY
DFHLLPSGIINTKAVSFIGNGVVIHLPGLFEEAEKNEKKGLKDWEKRLIISDRAHLVFDFHQAVDGLQEVQRQAQEGKNI
GTTKKGIGPTYSSKAARTGLRICDLLSDFDEFSARFKNLAHQHQSMFPTLEIDVEGQLKRLKGFAERIRPMVRDGVYFMY
EALHGPPKKVLVEGANAALLDIDFGTYPFVTSSNCTVGGVCTGLGIPPQNIGDVYGVVKAYTTRVGIGAFPTEQINEIGD
LLQNRGHEWGVTTGRKRRCGWLDLMILRYAHMVNGFTALALTKLDILDVLSEIKVGISYKLNGKRIPYFPANQEILQKVE
VEYETLPGWKADTTGARKWEDLPPQAQSYVRFVENHMGVAVKWVGVGKSRESMIQLF
;
_entity_poly.pdbx_strand_id   A,B
#
# COMPACT_ATOMS: atom_id res chain seq x y z
N ALA A 28 6.45 -10.36 23.25
CA ALA A 28 5.08 -9.84 22.98
C ALA A 28 4.94 -9.43 21.53
N THR A 29 5.60 -8.32 21.16
CA THR A 29 5.58 -7.79 19.81
C THR A 29 5.88 -8.87 18.75
N GLY A 30 6.71 -9.84 19.11
CA GLY A 30 7.05 -10.89 18.16
C GLY A 30 8.35 -10.61 17.44
N SER A 31 8.84 -11.56 16.66
CA SER A 31 10.08 -11.36 15.93
C SER A 31 9.89 -10.36 14.78
N ARG A 32 11.00 -9.87 14.25
CA ARG A 32 10.99 -8.90 13.15
C ARG A 32 11.49 -9.55 11.88
N VAL A 33 10.95 -9.14 10.74
CA VAL A 33 11.38 -9.70 9.47
C VAL A 33 12.54 -8.90 8.91
N THR A 34 13.31 -9.54 8.03
CA THR A 34 14.43 -8.90 7.38
C THR A 34 13.97 -8.60 5.97
N VAL A 35 14.17 -7.36 5.53
CA VAL A 35 13.71 -6.94 4.21
C VAL A 35 14.82 -6.56 3.23
N VAL A 36 14.67 -6.99 1.98
CA VAL A 36 15.61 -6.68 0.90
C VAL A 36 14.83 -5.93 -0.17
N LEU A 37 15.15 -4.65 -0.38
CA LEU A 37 14.44 -3.83 -1.36
C LEU A 37 15.32 -3.26 -2.47
N GLY A 38 14.72 -3.04 -3.63
CA GLY A 38 15.44 -2.46 -4.75
C GLY A 38 15.53 -0.97 -4.50
N ALA A 39 16.75 -0.43 -4.59
CA ALA A 39 16.98 0.99 -4.33
C ALA A 39 16.95 1.92 -5.54
N GLN A 40 17.02 1.35 -6.74
CA GLN A 40 17.03 2.18 -7.95
C GLN A 40 15.86 1.88 -8.87
N TRP A 41 16.13 1.44 -10.09
CA TRP A 41 15.06 1.12 -11.03
C TRP A 41 14.97 -0.37 -11.35
N GLY A 42 15.29 -1.20 -10.36
CA GLY A 42 15.23 -2.64 -10.55
C GLY A 42 16.52 -3.28 -11.01
N ASP A 43 16.52 -4.61 -11.00
CA ASP A 43 17.65 -5.43 -11.41
C ASP A 43 18.97 -5.08 -10.74
N GLU A 44 18.91 -4.80 -9.44
CA GLU A 44 20.10 -4.46 -8.67
C GLU A 44 20.80 -5.71 -8.15
N GLY A 45 20.08 -6.82 -8.15
CA GLY A 45 20.66 -8.07 -7.67
C GLY A 45 19.94 -8.56 -6.43
N LYS A 46 18.65 -8.23 -6.34
CA LYS A 46 17.82 -8.65 -5.21
C LYS A 46 17.80 -10.16 -5.05
N GLY A 47 17.76 -10.86 -6.18
CA GLY A 47 17.74 -12.31 -6.14
C GLY A 47 19.02 -12.82 -5.50
N LYS A 48 20.15 -12.29 -5.96
CA LYS A 48 21.45 -12.69 -5.42
C LYS A 48 21.53 -12.45 -3.91
N VAL A 49 21.05 -11.29 -3.46
CA VAL A 49 21.10 -10.97 -2.03
C VAL A 49 20.16 -11.89 -1.25
N VAL A 50 18.93 -12.03 -1.73
CA VAL A 50 17.96 -12.89 -1.06
C VAL A 50 18.46 -14.33 -0.97
N ASP A 51 19.06 -14.84 -2.05
CA ASP A 51 19.57 -16.20 -2.03
C ASP A 51 20.59 -16.35 -0.91
N LEU A 52 21.50 -15.39 -0.80
CA LEU A 52 22.54 -15.42 0.22
C LEU A 52 21.93 -15.37 1.63
N LEU A 53 20.97 -14.49 1.85
CA LEU A 53 20.37 -14.37 3.16
C LEU A 53 19.44 -15.52 3.50
N ALA A 54 18.82 -16.13 2.49
CA ALA A 54 17.89 -17.23 2.68
C ALA A 54 18.53 -18.53 3.19
N THR A 55 19.86 -18.59 3.17
CA THR A 55 20.55 -19.80 3.62
C THR A 55 20.20 -20.19 5.05
N ASP A 56 19.92 -19.21 5.89
CA ASP A 56 19.58 -19.49 7.28
C ASP A 56 18.18 -18.96 7.61
N ALA A 57 17.34 -18.84 6.58
CA ALA A 57 15.99 -18.34 6.77
C ALA A 57 15.02 -19.50 6.85
N ASP A 58 13.97 -19.32 7.65
CA ASP A 58 12.94 -20.34 7.80
C ASP A 58 11.83 -20.05 6.79
N ILE A 59 11.63 -18.77 6.51
CA ILE A 59 10.59 -18.35 5.57
C ILE A 59 11.08 -17.23 4.65
N VAL A 60 10.92 -17.43 3.35
CA VAL A 60 11.32 -16.46 2.35
C VAL A 60 10.04 -16.08 1.61
N SER A 61 9.70 -14.81 1.59
CA SER A 61 8.47 -14.41 0.92
C SER A 61 8.51 -13.20 0.01
N ARG A 62 7.51 -13.14 -0.86
CA ARG A 62 7.33 -12.03 -1.79
C ARG A 62 6.09 -11.32 -1.23
N CYS A 63 6.08 -9.99 -1.26
CA CYS A 63 4.96 -9.23 -0.72
C CYS A 63 4.18 -8.42 -1.76
N GLN A 64 4.82 -8.08 -2.86
CA GLN A 64 4.18 -7.27 -3.91
C GLN A 64 4.63 -7.69 -5.31
N GLY A 65 3.92 -7.19 -6.32
CA GLY A 65 4.27 -7.51 -7.71
C GLY A 65 3.84 -8.88 -8.21
N GLY A 66 4.39 -9.25 -9.35
CA GLY A 66 4.08 -10.53 -9.98
C GLY A 66 5.28 -10.98 -10.79
N ASN A 67 5.06 -11.73 -11.87
CA ASN A 67 6.18 -12.19 -12.67
C ASN A 67 6.71 -11.17 -13.65
N ASN A 68 6.41 -9.89 -13.41
CA ASN A 68 6.96 -8.84 -14.25
C ASN A 68 8.39 -8.71 -13.74
N ALA A 69 8.60 -9.26 -12.54
CA ALA A 69 9.90 -9.26 -11.86
C ALA A 69 10.76 -10.42 -12.36
N GLY A 70 12.07 -10.23 -12.33
CA GLY A 70 13.00 -11.26 -12.77
C GLY A 70 14.22 -11.25 -11.88
N HIS A 71 14.41 -12.32 -11.12
CA HIS A 71 15.53 -12.43 -10.18
C HIS A 71 16.44 -13.61 -10.48
N THR A 72 17.71 -13.32 -10.70
CA THR A 72 18.69 -14.36 -11.02
C THR A 72 19.45 -14.86 -9.80
N VAL A 73 19.53 -16.19 -9.68
CA VAL A 73 20.26 -16.80 -8.58
C VAL A 73 21.30 -17.72 -9.22
N VAL A 74 22.53 -17.65 -8.73
CA VAL A 74 23.62 -18.46 -9.26
C VAL A 74 24.32 -19.23 -8.15
N VAL A 75 24.08 -20.54 -8.11
CA VAL A 75 24.67 -21.42 -7.10
C VAL A 75 25.17 -22.72 -7.71
N ASP A 76 26.27 -23.24 -7.17
CA ASP A 76 26.85 -24.50 -7.64
C ASP A 76 26.73 -24.68 -9.16
N GLY A 77 27.33 -23.75 -9.90
CA GLY A 77 27.29 -23.83 -11.34
C GLY A 77 25.90 -23.88 -11.96
N LYS A 78 24.91 -23.39 -11.23
CA LYS A 78 23.54 -23.38 -11.74
C LYS A 78 22.97 -21.98 -11.67
N GLU A 79 22.37 -21.53 -12.77
CA GLU A 79 21.77 -20.22 -12.83
C GLU A 79 20.25 -20.31 -12.95
N TYR A 80 19.56 -19.80 -11.95
CA TYR A 80 18.09 -19.82 -11.92
C TYR A 80 17.57 -18.41 -12.13
N ASP A 81 16.37 -18.30 -12.69
CA ASP A 81 15.72 -17.00 -12.86
C ASP A 81 14.28 -17.15 -12.40
N PHE A 82 14.00 -16.60 -11.22
CA PHE A 82 12.67 -16.66 -10.62
C PHE A 82 11.83 -15.44 -10.96
N HIS A 83 10.52 -15.61 -10.89
CA HIS A 83 9.59 -14.53 -11.20
C HIS A 83 8.47 -14.41 -10.17
N LEU A 84 7.78 -15.51 -9.90
CA LEU A 84 6.72 -15.51 -8.91
C LEU A 84 7.19 -16.33 -7.71
N LEU A 85 8.03 -17.34 -7.97
CA LEU A 85 8.57 -18.16 -6.91
C LEU A 85 9.60 -17.36 -6.14
N PRO A 86 9.49 -17.30 -4.81
CA PRO A 86 10.47 -16.53 -4.03
C PRO A 86 11.87 -17.09 -4.28
N SER A 87 12.86 -16.21 -4.43
CA SER A 87 14.22 -16.64 -4.70
C SER A 87 14.74 -17.70 -3.74
N GLY A 88 14.12 -17.82 -2.57
CA GLY A 88 14.56 -18.81 -1.60
C GLY A 88 14.04 -20.21 -1.88
N ILE A 89 13.25 -20.38 -2.92
CA ILE A 89 12.70 -21.68 -3.27
C ILE A 89 13.81 -22.73 -3.40
N ILE A 90 15.03 -22.26 -3.67
CA ILE A 90 16.19 -23.11 -3.84
C ILE A 90 16.60 -23.84 -2.55
N ASN A 91 16.35 -23.21 -1.40
CA ASN A 91 16.70 -23.78 -0.11
C ASN A 91 15.60 -24.73 0.35
N THR A 92 15.86 -26.04 0.25
CA THR A 92 14.89 -27.06 0.62
C THR A 92 14.43 -27.07 2.07
N LYS A 93 15.25 -26.53 2.98
CA LYS A 93 14.84 -26.54 4.38
C LYS A 93 14.08 -25.28 4.80
N ALA A 94 13.70 -24.46 3.84
CA ALA A 94 12.97 -23.23 4.15
C ALA A 94 11.61 -23.22 3.45
N VAL A 95 10.70 -22.41 3.97
CA VAL A 95 9.35 -22.30 3.41
C VAL A 95 9.21 -21.00 2.60
N SER A 96 8.91 -21.14 1.30
CA SER A 96 8.72 -19.98 0.43
C SER A 96 7.27 -19.54 0.53
N PHE A 97 7.05 -18.24 0.66
CA PHE A 97 5.69 -17.73 0.83
C PHE A 97 5.35 -16.56 -0.10
N ILE A 98 4.19 -16.64 -0.74
CA ILE A 98 3.74 -15.57 -1.63
C ILE A 98 2.56 -14.86 -0.95
N GLY A 99 2.81 -13.66 -0.45
CA GLY A 99 1.81 -12.89 0.26
C GLY A 99 0.62 -12.36 -0.53
N ASN A 100 -0.31 -11.75 0.19
CA ASN A 100 -1.52 -11.21 -0.39
C ASN A 100 -1.35 -10.03 -1.36
N GLY A 101 -0.20 -9.39 -1.33
CA GLY A 101 0.03 -8.23 -2.19
C GLY A 101 0.43 -8.58 -3.61
N VAL A 102 0.90 -9.81 -3.78
CA VAL A 102 1.32 -10.30 -5.08
C VAL A 102 0.12 -10.60 -6.00
N VAL A 103 0.33 -10.40 -7.29
CA VAL A 103 -0.70 -10.70 -8.27
C VAL A 103 -0.14 -11.92 -8.99
N ILE A 104 -0.93 -12.98 -9.03
CA ILE A 104 -0.47 -14.24 -9.62
C ILE A 104 -1.12 -14.65 -10.94
N HIS A 105 -0.28 -15.08 -11.88
CA HIS A 105 -0.74 -15.58 -13.18
C HIS A 105 -0.42 -17.07 -13.11
N LEU A 106 -1.44 -17.89 -12.90
CA LEU A 106 -1.28 -19.33 -12.76
C LEU A 106 -0.45 -20.01 -13.86
N PRO A 107 -0.78 -19.76 -15.13
CA PRO A 107 0.02 -20.40 -16.18
C PRO A 107 1.51 -20.09 -16.01
N GLY A 108 1.83 -18.82 -15.88
CA GLY A 108 3.22 -18.43 -15.71
C GLY A 108 3.86 -19.03 -14.47
N LEU A 109 3.09 -19.16 -13.40
CA LEU A 109 3.61 -19.72 -12.16
C LEU A 109 4.14 -21.12 -12.39
N PHE A 110 3.30 -21.99 -12.95
CA PHE A 110 3.70 -23.37 -13.17
C PHE A 110 4.72 -23.55 -14.29
N GLU A 111 4.74 -22.64 -15.25
CA GLU A 111 5.72 -22.72 -16.33
C GLU A 111 7.09 -22.40 -15.74
N GLU A 112 7.10 -21.49 -14.77
CA GLU A 112 8.32 -21.08 -14.10
C GLU A 112 8.82 -22.20 -13.20
N ALA A 113 7.86 -22.89 -12.58
CA ALA A 113 8.17 -24.00 -11.69
C ALA A 113 8.71 -25.18 -12.48
N GLU A 114 8.15 -25.39 -13.67
CA GLU A 114 8.59 -26.50 -14.52
C GLU A 114 9.95 -26.21 -15.14
N LYS A 115 10.18 -24.98 -15.54
CA LYS A 115 11.46 -24.61 -16.14
C LYS A 115 12.59 -24.79 -15.14
N ASN A 116 12.25 -24.75 -13.85
CA ASN A 116 13.25 -24.92 -12.80
C ASN A 116 13.34 -26.36 -12.33
N GLU A 117 12.26 -27.11 -12.52
CA GLU A 117 12.25 -28.52 -12.15
C GLU A 117 13.29 -29.20 -13.03
N LYS A 118 13.36 -28.75 -14.28
CA LYS A 118 14.30 -29.28 -15.24
C LYS A 118 15.72 -28.88 -14.85
N LYS A 119 15.83 -28.16 -13.73
CA LYS A 119 17.13 -27.72 -13.24
C LYS A 119 17.40 -28.31 -11.86
N GLY A 120 16.55 -29.22 -11.42
CA GLY A 120 16.75 -29.85 -10.13
C GLY A 120 15.80 -29.44 -9.03
N LEU A 121 15.16 -28.29 -9.17
CA LEU A 121 14.21 -27.81 -8.15
C LEU A 121 13.20 -28.93 -7.96
N LYS A 122 13.31 -29.64 -6.83
CA LYS A 122 12.41 -30.75 -6.55
C LYS A 122 11.60 -30.54 -5.27
N ASP A 123 10.40 -31.11 -5.25
CA ASP A 123 9.49 -31.02 -4.12
C ASP A 123 9.13 -29.58 -3.77
N TRP A 124 9.29 -28.67 -4.73
CA TRP A 124 8.97 -27.28 -4.48
C TRP A 124 7.54 -27.10 -3.99
N GLU A 125 6.59 -27.76 -4.65
CA GLU A 125 5.19 -27.65 -4.27
C GLU A 125 4.95 -28.10 -2.83
N LYS A 126 5.99 -28.61 -2.17
CA LYS A 126 5.87 -29.07 -0.79
C LYS A 126 6.36 -28.02 0.21
N ARG A 127 7.09 -27.02 -0.27
CA ARG A 127 7.60 -25.97 0.59
C ARG A 127 7.17 -24.59 0.10
N LEU A 128 6.09 -24.56 -0.67
CA LEU A 128 5.57 -23.30 -1.20
C LEU A 128 4.16 -23.04 -0.70
N ILE A 129 3.96 -21.92 -0.02
CA ILE A 129 2.65 -21.55 0.49
C ILE A 129 2.15 -20.27 -0.19
N ILE A 130 0.88 -20.26 -0.58
CA ILE A 130 0.27 -19.13 -1.25
C ILE A 130 -0.82 -18.49 -0.40
N SER A 131 -0.72 -17.19 -0.18
CA SER A 131 -1.74 -16.48 0.60
C SER A 131 -3.05 -16.50 -0.19
N ASP A 132 -4.14 -16.84 0.47
CA ASP A 132 -5.44 -16.90 -0.22
C ASP A 132 -6.12 -15.55 -0.46
N ARG A 133 -5.41 -14.46 -0.20
CA ARG A 133 -5.98 -13.14 -0.45
C ARG A 133 -5.28 -12.53 -1.66
N ALA A 134 -4.29 -13.24 -2.21
CA ALA A 134 -3.57 -12.75 -3.38
C ALA A 134 -4.51 -12.72 -4.58
N HIS A 135 -4.34 -11.73 -5.44
CA HIS A 135 -5.18 -11.61 -6.62
C HIS A 135 -4.67 -12.39 -7.82
N LEU A 136 -5.56 -12.64 -8.79
CA LEU A 136 -5.24 -13.40 -9.97
C LEU A 136 -5.12 -12.55 -11.24
N VAL A 137 -3.99 -12.73 -11.93
CA VAL A 137 -3.71 -12.07 -13.19
C VAL A 137 -4.23 -13.05 -14.24
N PHE A 138 -5.29 -12.69 -14.95
CA PHE A 138 -5.84 -13.58 -15.96
C PHE A 138 -5.23 -13.35 -17.34
N ASP A 139 -5.34 -14.36 -18.20
CA ASP A 139 -4.80 -14.26 -19.55
C ASP A 139 -5.23 -12.97 -20.26
N PHE A 140 -6.48 -12.56 -20.07
CA PHE A 140 -6.93 -11.35 -20.72
C PHE A 140 -6.34 -10.07 -20.13
N HIS A 141 -5.74 -10.20 -18.95
CA HIS A 141 -5.09 -9.06 -18.32
C HIS A 141 -3.77 -8.84 -19.05
N GLN A 142 -3.11 -9.94 -19.42
CA GLN A 142 -1.84 -9.84 -20.12
C GLN A 142 -2.03 -9.30 -21.53
N ALA A 143 -3.11 -9.72 -22.18
CA ALA A 143 -3.42 -9.26 -23.52
C ALA A 143 -3.75 -7.78 -23.49
N VAL A 144 -4.61 -7.38 -22.56
CA VAL A 144 -5.01 -5.99 -22.41
C VAL A 144 -3.82 -5.09 -22.12
N ASP A 145 -2.83 -5.64 -21.42
CA ASP A 145 -1.64 -4.89 -21.09
C ASP A 145 -0.98 -4.46 -22.40
N GLY A 146 -0.59 -5.44 -23.21
CA GLY A 146 0.05 -5.13 -24.48
C GLY A 146 -0.85 -4.31 -25.38
N LEU A 147 -2.15 -4.51 -25.25
CA LEU A 147 -3.11 -3.78 -26.07
C LEU A 147 -3.05 -2.29 -25.71
N GLN A 148 -3.03 -1.99 -24.42
CA GLN A 148 -2.99 -0.61 -23.97
C GLN A 148 -1.64 0.00 -24.34
N GLU A 149 -0.60 -0.82 -24.24
CA GLU A 149 0.76 -0.40 -24.56
C GLU A 149 0.93 -0.11 -26.06
N VAL A 150 0.26 -0.90 -26.91
CA VAL A 150 0.34 -0.71 -28.36
C VAL A 150 -0.49 0.50 -28.79
N GLN A 151 -1.57 0.75 -28.05
CA GLN A 151 -2.42 1.89 -28.34
C GLN A 151 -1.72 3.19 -27.97
N ARG A 152 -1.04 3.19 -26.82
CA ARG A 152 -0.32 4.37 -26.35
C ARG A 152 0.67 4.81 -27.42
N GLN A 153 1.49 3.86 -27.89
CA GLN A 153 2.50 4.11 -28.91
C GLN A 153 1.90 4.61 -30.23
N ALA A 154 0.62 4.36 -30.44
CA ALA A 154 -0.05 4.78 -31.67
C ALA A 154 -0.61 6.20 -31.54
N GLN A 155 -1.01 6.56 -30.33
CA GLN A 155 -1.55 7.89 -30.07
C GLN A 155 -0.39 8.85 -29.79
N GLU A 156 0.20 8.73 -28.61
CA GLU A 156 1.30 9.60 -28.21
C GLU A 156 2.65 9.14 -28.73
N GLY A 157 2.65 8.09 -29.55
CA GLY A 157 3.90 7.57 -30.09
C GLY A 157 4.88 7.24 -28.98
N LYS A 158 4.35 7.03 -27.78
CA LYS A 158 5.16 6.71 -26.62
C LYS A 158 4.34 5.92 -25.60
N ASN A 159 4.88 4.80 -25.12
CA ASN A 159 4.18 4.01 -24.13
C ASN A 159 5.00 3.94 -22.84
N ILE A 160 4.58 3.08 -21.91
CA ILE A 160 5.25 2.94 -20.63
C ILE A 160 6.51 2.08 -20.66
N GLY A 161 6.47 0.98 -21.41
CA GLY A 161 7.62 0.10 -21.46
C GLY A 161 7.33 -1.10 -20.57
N THR A 162 6.05 -1.35 -20.38
CA THR A 162 5.56 -2.46 -19.58
C THR A 162 6.18 -3.78 -20.03
N THR A 163 6.22 -4.76 -19.12
CA THR A 163 6.75 -6.08 -19.48
C THR A 163 5.62 -6.89 -20.11
N LYS A 164 4.47 -6.24 -20.29
CA LYS A 164 3.30 -6.86 -20.90
C LYS A 164 2.91 -8.15 -20.19
N LYS A 165 3.05 -8.17 -18.87
CA LYS A 165 2.67 -9.35 -18.10
C LYS A 165 1.34 -9.11 -17.38
N GLY A 166 0.65 -8.04 -17.78
CA GLY A 166 -0.64 -7.71 -17.21
C GLY A 166 -0.70 -7.26 -15.76
N ILE A 167 0.43 -6.82 -15.21
CA ILE A 167 0.47 -6.37 -13.81
C ILE A 167 -0.35 -5.11 -13.60
N GLY A 168 -0.24 -4.17 -14.53
CA GLY A 168 -1.00 -2.93 -14.41
C GLY A 168 -2.50 -3.18 -14.43
N PRO A 169 -3.01 -3.98 -15.40
CA PRO A 169 -4.45 -4.27 -15.49
C PRO A 169 -5.00 -5.08 -14.32
N THR A 170 -4.19 -5.99 -13.78
CA THR A 170 -4.63 -6.81 -12.67
C THR A 170 -4.77 -5.94 -11.43
N TYR A 171 -3.77 -5.09 -11.18
CA TYR A 171 -3.82 -4.22 -10.02
C TYR A 171 -4.96 -3.23 -10.20
N SER A 172 -5.28 -2.92 -11.45
CA SER A 172 -6.36 -2.00 -11.74
C SER A 172 -7.70 -2.64 -11.38
N SER A 173 -7.83 -3.95 -11.64
CA SER A 173 -9.05 -4.68 -11.32
C SER A 173 -9.20 -4.85 -9.81
N LYS A 174 -8.07 -4.98 -9.12
CA LYS A 174 -8.09 -5.15 -7.66
C LYS A 174 -8.69 -3.91 -7.00
N ALA A 175 -8.19 -2.73 -7.39
CA ALA A 175 -8.67 -1.46 -6.86
C ALA A 175 -10.15 -1.32 -7.17
N ALA A 176 -10.56 -1.86 -8.31
CA ALA A 176 -11.96 -1.80 -8.71
C ALA A 176 -12.77 -2.86 -7.97
N ARG A 177 -12.08 -3.71 -7.20
CA ARG A 177 -12.71 -4.80 -6.45
C ARG A 177 -13.44 -5.72 -7.42
N THR A 178 -13.03 -5.65 -8.68
CA THR A 178 -13.60 -6.47 -9.74
C THR A 178 -12.73 -7.72 -9.93
N GLY A 179 -11.48 -7.62 -9.52
CA GLY A 179 -10.56 -8.74 -9.66
C GLY A 179 -10.92 -9.91 -8.77
N LEU A 180 -10.47 -11.08 -9.16
CA LEU A 180 -10.73 -12.31 -8.41
C LEU A 180 -9.49 -12.77 -7.65
N ARG A 181 -9.71 -13.38 -6.50
CA ARG A 181 -8.62 -13.82 -5.64
C ARG A 181 -8.49 -15.34 -5.49
N ILE A 182 -7.34 -15.75 -4.98
CA ILE A 182 -7.04 -17.16 -4.75
C ILE A 182 -8.19 -17.90 -4.06
N CYS A 183 -8.70 -17.33 -2.97
CA CYS A 183 -9.78 -17.95 -2.23
C CYS A 183 -11.06 -18.10 -3.05
N ASP A 184 -11.24 -17.22 -4.02
CA ASP A 184 -12.42 -17.29 -4.87
C ASP A 184 -12.28 -18.50 -5.80
N LEU A 185 -11.06 -18.71 -6.31
CA LEU A 185 -10.75 -19.81 -7.22
C LEU A 185 -11.03 -21.16 -6.56
N LEU A 186 -10.62 -21.31 -5.31
CA LEU A 186 -10.79 -22.54 -4.56
C LEU A 186 -12.16 -22.72 -3.90
N SER A 187 -13.05 -21.76 -4.09
CA SER A 187 -14.38 -21.83 -3.52
C SER A 187 -15.32 -22.32 -4.62
N ASP A 188 -16.61 -22.05 -4.51
CA ASP A 188 -17.57 -22.48 -5.52
C ASP A 188 -17.12 -22.05 -6.91
N PHE A 189 -16.82 -23.00 -7.78
CA PHE A 189 -16.34 -22.68 -9.13
C PHE A 189 -17.40 -22.09 -10.06
N ASP A 190 -18.67 -22.38 -9.79
CA ASP A 190 -19.75 -21.85 -10.60
C ASP A 190 -19.77 -20.34 -10.37
N GLU A 191 -19.62 -19.96 -9.12
CA GLU A 191 -19.59 -18.56 -8.73
C GLU A 191 -18.37 -17.91 -9.37
N PHE A 192 -17.22 -18.57 -9.23
CA PHE A 192 -15.98 -18.07 -9.79
C PHE A 192 -16.12 -17.81 -11.29
N SER A 193 -16.82 -18.71 -11.97
CA SER A 193 -17.03 -18.62 -13.41
C SER A 193 -17.84 -17.40 -13.82
N ALA A 194 -18.97 -17.17 -13.17
CA ALA A 194 -19.81 -16.03 -13.49
C ALA A 194 -19.05 -14.73 -13.29
N ARG A 195 -18.35 -14.62 -12.17
CA ARG A 195 -17.57 -13.43 -11.89
C ARG A 195 -16.46 -13.30 -12.93
N PHE A 196 -15.86 -14.42 -13.30
CA PHE A 196 -14.80 -14.42 -14.30
C PHE A 196 -15.35 -13.84 -15.60
N LYS A 197 -16.53 -14.33 -16.01
CA LYS A 197 -17.16 -13.88 -17.23
C LYS A 197 -17.41 -12.38 -17.26
N ASN A 198 -18.07 -11.86 -16.23
CA ASN A 198 -18.36 -10.44 -16.17
C ASN A 198 -17.08 -9.63 -16.31
N LEU A 199 -16.05 -10.07 -15.60
CA LEU A 199 -14.76 -9.40 -15.62
C LEU A 199 -14.19 -9.37 -17.03
N ALA A 200 -14.22 -10.51 -17.71
CA ALA A 200 -13.71 -10.61 -19.07
C ALA A 200 -14.51 -9.72 -20.03
N HIS A 201 -15.81 -9.59 -19.81
CA HIS A 201 -16.64 -8.76 -20.68
C HIS A 201 -16.29 -7.29 -20.52
N GLN A 202 -16.18 -6.83 -19.28
CA GLN A 202 -15.85 -5.44 -18.99
C GLN A 202 -14.56 -5.05 -19.68
N HIS A 203 -13.66 -6.02 -19.81
CA HIS A 203 -12.38 -5.79 -20.45
C HIS A 203 -12.48 -5.77 -21.96
N GLN A 204 -13.51 -6.42 -22.49
CA GLN A 204 -13.72 -6.47 -23.93
C GLN A 204 -14.30 -5.13 -24.37
N SER A 205 -14.96 -4.44 -23.44
CA SER A 205 -15.53 -3.13 -23.73
C SER A 205 -14.38 -2.15 -23.84
N MET A 206 -13.37 -2.33 -22.99
CA MET A 206 -12.19 -1.48 -23.00
C MET A 206 -11.52 -1.60 -24.36
N PHE A 207 -11.47 -2.82 -24.86
CA PHE A 207 -10.86 -3.09 -26.16
C PHE A 207 -11.66 -4.13 -26.92
N PRO A 208 -12.60 -3.70 -27.77
CA PRO A 208 -13.42 -4.63 -28.54
C PRO A 208 -12.56 -5.57 -29.40
N THR A 209 -11.27 -5.25 -29.51
CA THR A 209 -10.33 -6.06 -30.28
C THR A 209 -9.98 -7.34 -29.50
N LEU A 210 -10.02 -7.22 -28.17
CA LEU A 210 -9.71 -8.33 -27.27
C LEU A 210 -10.58 -9.56 -27.53
N GLU A 211 -9.96 -10.74 -27.48
CA GLU A 211 -10.67 -11.98 -27.73
C GLU A 211 -11.22 -12.67 -26.48
N ILE A 212 -10.38 -13.45 -25.80
CA ILE A 212 -10.76 -14.17 -24.59
C ILE A 212 -11.56 -15.46 -24.82
N ASP A 213 -10.87 -16.59 -24.78
CA ASP A 213 -11.52 -17.88 -24.93
C ASP A 213 -11.99 -18.22 -23.51
N VAL A 214 -13.14 -17.67 -23.13
CA VAL A 214 -13.70 -17.87 -21.80
C VAL A 214 -13.74 -19.31 -21.31
N GLU A 215 -14.44 -20.18 -22.03
CA GLU A 215 -14.54 -21.57 -21.62
C GLU A 215 -13.15 -22.19 -21.55
N GLY A 216 -12.32 -21.87 -22.54
CA GLY A 216 -10.97 -22.39 -22.57
C GLY A 216 -10.20 -21.99 -21.33
N GLN A 217 -10.17 -20.68 -21.05
CA GLN A 217 -9.45 -20.17 -19.90
C GLN A 217 -10.07 -20.66 -18.59
N LEU A 218 -11.39 -20.68 -18.52
CA LEU A 218 -12.06 -21.15 -17.32
C LEU A 218 -11.72 -22.63 -17.09
N LYS A 219 -11.58 -23.36 -18.19
CA LYS A 219 -11.25 -24.78 -18.10
C LYS A 219 -9.86 -24.93 -17.48
N ARG A 220 -8.88 -24.20 -18.00
CA ARG A 220 -7.52 -24.28 -17.46
C ARG A 220 -7.50 -23.89 -15.99
N LEU A 221 -8.24 -22.85 -15.65
CA LEU A 221 -8.32 -22.36 -14.27
C LEU A 221 -8.86 -23.42 -13.32
N LYS A 222 -9.85 -24.19 -13.77
CA LYS A 222 -10.43 -25.25 -12.94
C LYS A 222 -9.35 -26.28 -12.65
N GLY A 223 -8.47 -26.48 -13.62
CA GLY A 223 -7.38 -27.41 -13.44
C GLY A 223 -6.36 -26.85 -12.45
N PHE A 224 -5.96 -25.61 -12.68
CA PHE A 224 -4.99 -24.95 -11.78
C PHE A 224 -5.51 -24.91 -10.36
N ALA A 225 -6.82 -24.71 -10.21
CA ALA A 225 -7.44 -24.65 -8.90
C ALA A 225 -6.97 -25.80 -8.02
N GLU A 226 -7.08 -27.02 -8.53
CA GLU A 226 -6.69 -28.22 -7.79
C GLU A 226 -5.19 -28.33 -7.57
N ARG A 227 -4.42 -28.04 -8.62
CA ARG A 227 -2.97 -28.13 -8.53
C ARG A 227 -2.43 -27.20 -7.43
N ILE A 228 -3.08 -26.07 -7.24
CA ILE A 228 -2.65 -25.08 -6.26
C ILE A 228 -3.30 -25.21 -4.87
N ARG A 229 -4.51 -25.76 -4.81
CA ARG A 229 -5.27 -25.91 -3.57
C ARG A 229 -4.54 -26.36 -2.29
N PRO A 230 -3.66 -27.36 -2.38
CA PRO A 230 -2.93 -27.83 -1.19
C PRO A 230 -1.82 -26.89 -0.66
N MET A 231 -1.40 -25.94 -1.49
CA MET A 231 -0.36 -24.99 -1.10
C MET A 231 -0.95 -23.72 -0.51
N VAL A 232 -2.23 -23.47 -0.80
CA VAL A 232 -2.91 -22.28 -0.32
C VAL A 232 -3.26 -22.30 1.17
N ARG A 233 -3.09 -21.14 1.83
CA ARG A 233 -3.39 -20.99 3.25
C ARG A 233 -3.79 -19.55 3.55
N ASP A 234 -4.22 -19.29 4.78
CA ASP A 234 -4.59 -17.94 5.16
C ASP A 234 -3.27 -17.23 5.49
N GLY A 235 -2.92 -16.23 4.69
CA GLY A 235 -1.68 -15.51 4.88
C GLY A 235 -1.56 -14.72 6.17
N VAL A 236 -2.61 -13.98 6.51
CA VAL A 236 -2.59 -13.18 7.72
C VAL A 236 -2.29 -14.02 8.96
N TYR A 237 -2.95 -15.16 9.07
CA TYR A 237 -2.75 -16.05 10.21
C TYR A 237 -1.41 -16.76 10.12
N PHE A 238 -1.08 -17.25 8.92
CA PHE A 238 0.19 -17.94 8.70
C PHE A 238 1.36 -17.09 9.19
N MET A 239 1.41 -15.84 8.75
CA MET A 239 2.49 -14.93 9.10
C MET A 239 2.43 -14.46 10.55
N TYR A 240 1.23 -14.22 11.06
CA TYR A 240 1.10 -13.76 12.43
C TYR A 240 1.63 -14.83 13.41
N GLU A 241 1.28 -16.09 13.15
CA GLU A 241 1.74 -17.18 14.00
C GLU A 241 3.25 -17.38 13.86
N ALA A 242 3.75 -17.25 12.64
CA ALA A 242 5.18 -17.40 12.38
C ALA A 242 6.01 -16.40 13.17
N LEU A 243 5.43 -15.22 13.43
CA LEU A 243 6.14 -14.16 14.16
C LEU A 243 5.87 -14.16 15.66
N HIS A 244 4.90 -14.93 16.12
CA HIS A 244 4.58 -14.95 17.54
C HIS A 244 4.76 -16.31 18.20
N GLY A 245 5.15 -17.31 17.41
CA GLY A 245 5.35 -18.65 17.95
C GLY A 245 6.81 -18.89 18.25
N PRO A 246 7.34 -20.09 17.93
CA PRO A 246 8.76 -20.32 18.21
C PRO A 246 9.59 -19.40 17.31
N PRO A 247 10.57 -18.70 17.88
CA PRO A 247 11.43 -17.78 17.13
C PRO A 247 11.83 -18.28 15.75
N LYS A 248 11.48 -17.52 14.73
CA LYS A 248 11.83 -17.88 13.36
C LYS A 248 12.46 -16.70 12.61
N LYS A 249 13.15 -17.02 11.52
CA LYS A 249 13.81 -16.00 10.71
C LYS A 249 13.05 -15.82 9.41
N VAL A 250 12.37 -14.68 9.32
CA VAL A 250 11.60 -14.36 8.13
C VAL A 250 12.32 -13.37 7.23
N LEU A 251 12.41 -13.73 5.95
CA LEU A 251 13.07 -12.88 4.96
C LEU A 251 12.07 -12.44 3.90
N VAL A 252 11.96 -11.14 3.69
CA VAL A 252 11.03 -10.59 2.70
C VAL A 252 11.75 -10.08 1.48
N GLU A 253 11.44 -10.68 0.33
CA GLU A 253 12.04 -10.32 -0.93
C GLU A 253 11.16 -9.31 -1.64
N GLY A 254 11.68 -8.12 -1.86
CA GLY A 254 10.92 -7.11 -2.56
C GLY A 254 11.07 -7.31 -4.06
N ALA A 255 10.21 -6.67 -4.83
CA ALA A 255 10.28 -6.80 -6.28
C ALA A 255 10.31 -5.41 -6.87
N ASN A 256 10.79 -5.31 -8.11
CA ASN A 256 10.88 -4.04 -8.81
C ASN A 256 11.78 -3.15 -7.97
N ALA A 257 11.45 -1.88 -7.82
CA ALA A 257 12.32 -1.00 -7.04
C ALA A 257 11.70 0.32 -6.62
N ALA A 258 12.39 0.99 -5.70
CA ALA A 258 11.93 2.28 -5.16
C ALA A 258 11.51 3.29 -6.22
N LEU A 259 12.36 3.52 -7.22
CA LEU A 259 12.00 4.49 -8.24
C LEU A 259 11.00 3.99 -9.27
N LEU A 260 10.49 2.77 -9.06
CA LEU A 260 9.47 2.18 -9.90
C LEU A 260 8.19 2.09 -9.07
N ASP A 261 8.22 2.66 -7.87
CA ASP A 261 7.07 2.63 -6.94
C ASP A 261 5.87 3.42 -7.49
N ILE A 262 4.69 2.80 -7.45
CA ILE A 262 3.46 3.43 -7.96
C ILE A 262 3.20 4.79 -7.35
N ASP A 263 3.64 4.98 -6.11
CA ASP A 263 3.45 6.26 -5.43
C ASP A 263 4.66 7.17 -5.50
N PHE A 264 5.83 6.61 -5.23
CA PHE A 264 7.05 7.38 -5.16
C PHE A 264 8.02 7.37 -6.34
N GLY A 265 7.78 6.49 -7.30
CA GLY A 265 8.68 6.42 -8.43
C GLY A 265 8.45 7.53 -9.44
N THR A 266 9.01 7.35 -10.63
CA THR A 266 8.86 8.32 -11.70
C THR A 266 7.54 8.12 -12.43
N TYR A 267 6.44 8.30 -11.70
CA TYR A 267 5.09 8.16 -12.23
C TYR A 267 4.93 9.06 -13.44
N PRO A 268 4.26 8.58 -14.50
CA PRO A 268 3.61 7.28 -14.70
C PRO A 268 4.50 6.14 -15.18
N PHE A 269 5.80 6.40 -15.32
CA PHE A 269 6.72 5.37 -15.78
C PHE A 269 7.23 4.58 -14.58
N VAL A 270 6.35 3.72 -14.08
CA VAL A 270 6.61 2.88 -12.92
C VAL A 270 5.77 1.61 -12.99
N THR A 271 5.96 0.70 -12.05
CA THR A 271 5.15 -0.51 -12.01
C THR A 271 3.94 -0.08 -11.19
N SER A 272 2.97 -0.97 -11.00
CA SER A 272 1.77 -0.58 -10.27
C SER A 272 1.61 -1.05 -8.83
N SER A 273 2.70 -1.30 -8.14
CA SER A 273 2.59 -1.74 -6.75
C SER A 273 3.57 -0.93 -5.89
N ASN A 274 3.41 -0.97 -4.57
CA ASN A 274 4.35 -0.24 -3.73
C ASN A 274 5.60 -1.11 -3.53
N CYS A 275 6.69 -0.69 -4.18
CA CYS A 275 7.95 -1.41 -4.11
C CYS A 275 8.74 -1.02 -2.87
N THR A 276 8.29 0.04 -2.20
CA THR A 276 8.95 0.52 -1.01
C THR A 276 8.55 -0.27 0.24
N VAL A 277 9.27 -0.01 1.32
CA VAL A 277 9.06 -0.70 2.59
C VAL A 277 7.59 -0.84 3.03
N GLY A 278 6.79 0.20 2.82
CA GLY A 278 5.39 0.12 3.20
C GLY A 278 4.67 -1.04 2.55
N GLY A 279 5.13 -1.44 1.38
CA GLY A 279 4.52 -2.55 0.68
C GLY A 279 4.68 -3.87 1.45
N VAL A 280 5.66 -3.90 2.34
CA VAL A 280 5.88 -5.09 3.15
C VAL A 280 4.69 -5.26 4.09
N CYS A 281 4.23 -4.15 4.66
CA CYS A 281 3.11 -4.18 5.57
C CYS A 281 1.78 -4.47 4.89
N THR A 282 1.55 -3.89 3.72
CA THR A 282 0.29 -4.09 3.02
C THR A 282 0.24 -5.42 2.26
N GLY A 283 1.41 -5.95 1.93
CA GLY A 283 1.46 -7.20 1.20
C GLY A 283 1.53 -8.48 2.03
N LEU A 284 1.82 -8.35 3.32
CA LEU A 284 1.91 -9.51 4.21
C LEU A 284 1.00 -9.40 5.43
N GLY A 285 0.42 -8.23 5.65
CA GLY A 285 -0.46 -8.06 6.79
C GLY A 285 0.25 -7.96 8.13
N ILE A 286 1.47 -7.43 8.14
CA ILE A 286 2.20 -7.29 9.39
C ILE A 286 2.42 -5.81 9.69
N PRO A 287 2.41 -5.46 10.98
CA PRO A 287 2.62 -4.06 11.38
C PRO A 287 4.10 -3.70 11.33
N PRO A 288 4.40 -2.39 11.32
CA PRO A 288 5.79 -1.90 11.26
C PRO A 288 6.70 -2.38 12.38
N GLN A 289 6.14 -2.73 13.54
CA GLN A 289 6.96 -3.19 14.64
C GLN A 289 7.51 -4.59 14.37
N ASN A 290 6.99 -5.25 13.35
CA ASN A 290 7.48 -6.59 12.99
C ASN A 290 8.44 -6.51 11.80
N ILE A 291 8.94 -5.31 11.53
CA ILE A 291 9.88 -5.10 10.44
C ILE A 291 11.25 -4.82 11.04
N GLY A 292 12.20 -5.70 10.75
CA GLY A 292 13.54 -5.56 11.30
C GLY A 292 14.48 -4.81 10.37
N ASP A 293 15.56 -5.48 9.96
CA ASP A 293 16.51 -4.86 9.05
C ASP A 293 15.93 -4.73 7.66
N VAL A 294 16.14 -3.57 7.06
CA VAL A 294 15.67 -3.28 5.72
C VAL A 294 16.91 -2.93 4.90
N TYR A 295 17.27 -3.82 3.99
CA TYR A 295 18.45 -3.63 3.15
C TYR A 295 18.17 -3.05 1.77
N GLY A 296 18.96 -2.08 1.39
CA GLY A 296 18.82 -1.46 0.08
C GLY A 296 19.82 -2.05 -0.89
N VAL A 297 19.34 -2.71 -1.93
CA VAL A 297 20.26 -3.27 -2.90
C VAL A 297 20.53 -2.15 -3.89
N VAL A 298 21.80 -1.75 -4.01
CA VAL A 298 22.14 -0.70 -4.95
C VAL A 298 23.29 -1.16 -5.84
N LYS A 299 23.02 -1.18 -7.14
CA LYS A 299 24.02 -1.56 -8.13
C LYS A 299 25.08 -0.45 -8.15
N ALA A 300 26.34 -0.83 -8.38
CA ALA A 300 27.44 0.14 -8.40
C ALA A 300 27.26 1.21 -9.48
N TYR A 301 26.38 0.96 -10.44
CA TYR A 301 26.07 1.91 -11.49
C TYR A 301 24.57 1.77 -11.68
N THR A 302 23.96 2.69 -12.41
CA THR A 302 22.51 2.67 -12.59
C THR A 302 22.00 2.12 -13.92
N THR A 303 20.85 1.47 -13.87
CA THR A 303 20.19 0.94 -15.07
C THR A 303 18.69 1.08 -14.93
N ARG A 304 17.99 0.97 -16.05
CA ARG A 304 16.54 0.99 -16.07
C ARG A 304 16.11 0.50 -17.45
N VAL A 305 15.05 -0.29 -17.47
CA VAL A 305 14.52 -0.82 -18.71
C VAL A 305 13.11 -0.28 -18.83
N GLY A 306 12.79 0.29 -19.97
CA GLY A 306 11.47 0.85 -20.14
C GLY A 306 11.63 2.34 -20.36
N ILE A 307 10.51 3.01 -20.61
CA ILE A 307 10.49 4.44 -20.88
C ILE A 307 10.56 5.26 -19.58
N GLY A 308 11.14 6.45 -19.66
CA GLY A 308 11.22 7.28 -18.48
C GLY A 308 12.57 7.94 -18.26
N ALA A 309 12.53 9.08 -17.57
CA ALA A 309 13.73 9.84 -17.28
C ALA A 309 14.80 9.00 -16.59
N PHE A 310 16.05 9.23 -17.00
CA PHE A 310 17.21 8.54 -16.46
C PHE A 310 18.33 9.57 -16.55
N PRO A 311 18.39 10.50 -15.59
CA PRO A 311 19.38 11.58 -15.50
C PRO A 311 20.85 11.27 -15.77
N THR A 312 21.35 10.15 -15.24
CA THR A 312 22.76 9.81 -15.44
C THR A 312 23.00 8.88 -16.62
N GLU A 313 21.96 8.62 -17.40
CA GLU A 313 22.07 7.73 -18.54
C GLU A 313 23.27 8.07 -19.44
N GLN A 314 24.01 7.03 -19.83
CA GLN A 314 25.19 7.18 -20.67
C GLN A 314 25.01 6.55 -22.05
N ILE A 315 24.59 7.36 -23.02
CA ILE A 315 24.40 6.87 -24.38
C ILE A 315 25.68 7.22 -25.09
N ASN A 316 26.71 6.41 -24.86
CA ASN A 316 28.03 6.63 -25.41
C ASN A 316 28.86 5.37 -25.13
N GLU A 317 30.16 5.47 -25.40
CA GLU A 317 31.08 4.37 -25.18
C GLU A 317 31.05 3.84 -23.73
N ILE A 318 30.78 4.73 -22.78
CA ILE A 318 30.72 4.34 -21.38
C ILE A 318 29.54 3.40 -21.13
N GLY A 319 28.36 3.82 -21.59
CA GLY A 319 27.18 3.00 -21.43
C GLY A 319 27.34 1.63 -22.06
N ASP A 320 27.90 1.60 -23.26
CA ASP A 320 28.12 0.34 -23.96
C ASP A 320 29.00 -0.58 -23.15
N LEU A 321 29.96 0.01 -22.42
CA LEU A 321 30.89 -0.77 -21.61
C LEU A 321 30.23 -1.35 -20.35
N LEU A 322 29.31 -0.60 -19.76
CA LEU A 322 28.62 -1.06 -18.56
C LEU A 322 27.62 -2.15 -18.94
N GLN A 323 26.89 -1.90 -20.01
CA GLN A 323 25.89 -2.85 -20.50
C GLN A 323 26.56 -4.15 -20.91
N ASN A 324 27.67 -4.04 -21.62
CA ASN A 324 28.39 -5.22 -22.07
C ASN A 324 28.99 -5.99 -20.90
N ARG A 325 29.84 -5.33 -20.12
CA ARG A 325 30.49 -5.98 -18.98
C ARG A 325 29.48 -6.39 -17.90
N GLY A 326 28.35 -5.71 -17.86
CA GLY A 326 27.33 -6.03 -16.87
C GLY A 326 26.23 -6.92 -17.39
N HIS A 327 26.36 -7.37 -18.65
CA HIS A 327 25.34 -8.22 -19.28
C HIS A 327 23.96 -7.64 -19.01
N GLU A 328 23.81 -6.35 -19.25
CA GLU A 328 22.55 -5.67 -19.01
C GLU A 328 21.53 -5.80 -20.13
N TRP A 329 20.89 -6.97 -20.20
CA TRP A 329 19.87 -7.23 -21.21
C TRP A 329 18.74 -8.05 -20.61
N GLY A 330 17.54 -7.85 -21.17
CA GLY A 330 16.36 -8.56 -20.71
C GLY A 330 16.59 -9.93 -20.12
N VAL A 331 16.30 -10.05 -18.82
CA VAL A 331 16.46 -11.31 -18.11
C VAL A 331 15.77 -12.40 -18.95
N THR A 332 14.58 -12.06 -19.43
CA THR A 332 13.78 -12.97 -20.25
C THR A 332 13.01 -12.19 -21.32
N THR A 333 12.62 -10.96 -20.98
CA THR A 333 11.88 -10.11 -21.90
C THR A 333 12.74 -9.82 -23.15
N GLY A 334 14.05 -9.90 -22.99
CA GLY A 334 14.96 -9.67 -24.11
C GLY A 334 15.27 -8.23 -24.44
N ARG A 335 14.86 -7.29 -23.59
CA ARG A 335 15.11 -5.88 -23.83
C ARG A 335 16.41 -5.41 -23.17
N LYS A 336 17.24 -4.72 -23.95
CA LYS A 336 18.50 -4.20 -23.42
C LYS A 336 18.19 -3.14 -22.37
N ARG A 337 18.96 -3.14 -21.29
CA ARG A 337 18.76 -2.16 -20.24
C ARG A 337 19.55 -0.89 -20.53
N ARG A 338 19.04 0.26 -20.10
CA ARG A 338 19.73 1.53 -20.30
C ARG A 338 20.68 1.65 -19.12
N CYS A 339 21.88 2.17 -19.37
CA CYS A 339 22.87 2.30 -18.30
C CYS A 339 23.37 3.71 -18.11
N GLY A 340 23.93 3.98 -16.92
CA GLY A 340 24.47 5.28 -16.59
C GLY A 340 25.28 5.17 -15.31
N TRP A 341 25.88 6.27 -14.87
CA TRP A 341 26.68 6.27 -13.64
C TRP A 341 25.81 6.14 -12.40
N LEU A 342 26.45 5.87 -11.27
CA LEU A 342 25.72 5.78 -10.02
C LEU A 342 25.07 7.15 -9.89
N ASP A 343 23.91 7.19 -9.24
CA ASP A 343 23.16 8.43 -9.05
C ASP A 343 22.73 8.47 -7.59
N LEU A 344 23.30 9.39 -6.82
CA LEU A 344 22.98 9.51 -5.40
C LEU A 344 21.67 10.22 -5.11
N MET A 345 21.17 11.00 -6.08
CA MET A 345 19.91 11.69 -5.89
C MET A 345 18.77 10.68 -5.70
N ILE A 346 18.74 9.65 -6.54
CA ILE A 346 17.69 8.66 -6.42
C ILE A 346 17.91 7.75 -5.23
N LEU A 347 19.16 7.54 -4.83
CA LEU A 347 19.44 6.69 -3.68
C LEU A 347 19.07 7.39 -2.37
N ARG A 348 19.31 8.70 -2.32
CA ARG A 348 18.96 9.47 -1.13
C ARG A 348 17.44 9.53 -0.98
N TYR A 349 16.76 9.77 -2.09
CA TYR A 349 15.30 9.84 -2.12
C TYR A 349 14.70 8.49 -1.68
N ALA A 350 15.29 7.41 -2.19
CA ALA A 350 14.83 6.06 -1.87
C ALA A 350 15.01 5.76 -0.39
N HIS A 351 16.10 6.27 0.16
CA HIS A 351 16.42 6.07 1.57
C HIS A 351 15.40 6.80 2.43
N MET A 352 15.06 8.03 2.04
CA MET A 352 14.09 8.83 2.77
C MET A 352 12.78 8.09 2.94
N VAL A 353 12.41 7.32 1.93
CA VAL A 353 11.17 6.57 1.95
C VAL A 353 11.28 5.18 2.58
N ASN A 354 12.38 4.47 2.32
CA ASN A 354 12.54 3.12 2.84
C ASN A 354 13.23 2.96 4.18
N GLY A 355 13.99 3.96 4.62
CA GLY A 355 14.69 3.85 5.88
C GLY A 355 15.67 2.68 5.90
N PHE A 356 16.50 2.60 4.87
CA PHE A 356 17.51 1.53 4.77
C PHE A 356 18.36 1.45 6.03
N THR A 357 18.52 0.25 6.60
CA THR A 357 19.37 0.11 7.77
C THR A 357 20.78 -0.26 7.30
N ALA A 358 20.87 -0.81 6.09
CA ALA A 358 22.17 -1.19 5.53
C ALA A 358 22.02 -1.34 4.03
N LEU A 359 23.15 -1.32 3.32
CA LEU A 359 23.14 -1.46 1.87
C LEU A 359 23.92 -2.67 1.37
N ALA A 360 23.57 -3.12 0.17
CA ALA A 360 24.26 -4.21 -0.49
C ALA A 360 24.68 -3.58 -1.84
N LEU A 361 25.95 -3.24 -1.97
CA LEU A 361 26.46 -2.63 -3.19
C LEU A 361 26.91 -3.71 -4.17
N THR A 362 26.12 -3.92 -5.22
CA THR A 362 26.39 -4.98 -6.20
C THR A 362 27.08 -4.60 -7.52
N LYS A 363 27.64 -5.61 -8.16
CA LYS A 363 28.30 -5.47 -9.45
C LYS A 363 29.49 -4.52 -9.46
N LEU A 364 30.18 -4.43 -8.33
CA LEU A 364 31.35 -3.56 -8.21
C LEU A 364 32.38 -3.94 -9.29
N ASP A 365 32.50 -5.24 -9.55
CA ASP A 365 33.45 -5.74 -10.54
C ASP A 365 33.27 -5.20 -11.96
N ILE A 366 32.08 -4.67 -12.26
CA ILE A 366 31.83 -4.11 -13.58
C ILE A 366 32.76 -2.93 -13.83
N LEU A 367 33.10 -2.23 -12.76
CA LEU A 367 33.97 -1.06 -12.83
C LEU A 367 35.47 -1.38 -12.79
N ASP A 368 35.81 -2.66 -12.68
CA ASP A 368 37.21 -3.11 -12.61
C ASP A 368 38.16 -2.57 -13.69
N VAL A 369 37.60 -2.18 -14.83
CA VAL A 369 38.39 -1.70 -15.95
C VAL A 369 38.47 -0.19 -16.11
N LEU A 370 37.49 0.52 -15.55
CA LEU A 370 37.44 1.96 -15.68
C LEU A 370 38.58 2.73 -15.00
N SER A 371 39.13 3.69 -15.72
CA SER A 371 40.22 4.52 -15.22
C SER A 371 39.65 5.53 -14.21
N GLU A 372 38.46 6.02 -14.50
CA GLU A 372 37.78 6.96 -13.60
C GLU A 372 36.30 6.59 -13.57
N ILE A 373 35.62 6.94 -12.49
CA ILE A 373 34.20 6.62 -12.33
C ILE A 373 33.48 7.86 -11.82
N LYS A 374 32.46 8.29 -12.54
CA LYS A 374 31.70 9.45 -12.12
C LYS A 374 30.47 9.04 -11.32
N VAL A 375 30.09 9.87 -10.35
CA VAL A 375 28.93 9.61 -9.52
C VAL A 375 28.10 10.87 -9.44
N GLY A 376 26.82 10.75 -9.77
CA GLY A 376 25.94 11.93 -9.71
C GLY A 376 25.66 12.28 -8.27
N ILE A 377 25.87 13.54 -7.91
CA ILE A 377 25.64 13.99 -6.56
C ILE A 377 24.45 14.93 -6.39
N SER A 378 24.03 15.58 -7.46
CA SER A 378 22.87 16.48 -7.40
C SER A 378 22.39 16.84 -8.80
N TYR A 379 21.16 17.33 -8.91
CA TYR A 379 20.62 17.73 -10.21
C TYR A 379 20.52 19.23 -10.27
N LYS A 380 20.85 19.80 -11.42
CA LYS A 380 20.74 21.24 -11.60
C LYS A 380 19.69 21.52 -12.65
N LEU A 381 18.89 22.54 -12.41
CA LEU A 381 17.85 22.95 -13.35
C LEU A 381 18.23 24.39 -13.70
N ASN A 382 18.50 24.64 -14.98
CA ASN A 382 18.91 25.96 -15.44
C ASN A 382 20.08 26.48 -14.61
N GLY A 383 21.07 25.62 -14.36
CA GLY A 383 22.25 26.01 -13.61
C GLY A 383 22.11 26.06 -12.09
N LYS A 384 20.91 25.88 -11.57
CA LYS A 384 20.69 25.92 -10.12
C LYS A 384 20.23 24.57 -9.56
N ARG A 385 20.89 24.12 -8.49
CA ARG A 385 20.54 22.85 -7.86
C ARG A 385 19.12 22.85 -7.35
N ILE A 386 18.43 21.73 -7.47
CA ILE A 386 17.07 21.62 -6.95
C ILE A 386 17.23 20.96 -5.58
N PRO A 387 16.36 21.33 -4.62
CA PRO A 387 16.35 20.82 -3.24
C PRO A 387 15.97 19.37 -2.98
N TYR A 388 15.14 18.78 -3.83
CA TYR A 388 14.74 17.40 -3.63
C TYR A 388 14.33 16.77 -4.96
N PHE A 389 14.16 15.45 -4.93
CA PHE A 389 13.75 14.71 -6.12
C PHE A 389 12.35 15.18 -6.48
N PRO A 390 12.14 15.61 -7.74
CA PRO A 390 10.85 16.10 -8.23
C PRO A 390 9.73 15.11 -8.47
N ALA A 391 8.52 15.49 -8.09
CA ALA A 391 7.34 14.66 -8.28
C ALA A 391 6.97 14.60 -9.77
N ASN A 392 7.32 15.64 -10.52
CA ASN A 392 7.01 15.68 -11.93
C ASN A 392 8.19 15.12 -12.75
N GLN A 393 7.99 13.91 -13.25
CA GLN A 393 8.98 13.20 -14.04
C GLN A 393 9.53 14.04 -15.20
N GLU A 394 8.71 14.96 -15.72
CA GLU A 394 9.13 15.81 -16.84
C GLU A 394 10.28 16.74 -16.45
N ILE A 395 10.40 17.06 -15.16
CA ILE A 395 11.48 17.93 -14.71
C ILE A 395 12.81 17.19 -14.80
N LEU A 396 12.83 15.92 -14.39
CA LEU A 396 14.05 15.11 -14.44
C LEU A 396 14.58 15.07 -15.87
N GLN A 397 13.66 15.24 -16.81
CA GLN A 397 13.97 15.20 -18.23
C GLN A 397 14.83 16.38 -18.67
N LYS A 398 14.88 17.44 -17.87
CA LYS A 398 15.64 18.62 -18.24
C LYS A 398 16.86 18.92 -17.37
N VAL A 399 16.94 18.25 -16.22
CA VAL A 399 18.05 18.50 -15.32
C VAL A 399 19.42 18.14 -15.89
N GLU A 400 20.43 18.76 -15.31
CA GLU A 400 21.81 18.55 -15.71
C GLU A 400 22.44 17.94 -14.45
N VAL A 401 23.07 16.79 -14.58
CA VAL A 401 23.65 16.17 -13.41
C VAL A 401 25.02 16.70 -13.03
N GLU A 402 25.21 16.89 -11.72
CA GLU A 402 26.48 17.36 -11.19
C GLU A 402 27.23 16.11 -10.75
N TYR A 403 28.42 15.90 -11.33
CA TYR A 403 29.19 14.72 -11.01
C TYR A 403 30.43 14.95 -10.18
N GLU A 404 30.86 13.88 -9.51
CA GLU A 404 32.09 13.88 -8.76
C GLU A 404 32.81 12.71 -9.41
N THR A 405 34.04 12.94 -9.84
CA THR A 405 34.81 11.90 -10.52
C THR A 405 35.83 11.25 -9.57
N LEU A 406 35.71 9.94 -9.41
CA LEU A 406 36.59 9.18 -8.51
C LEU A 406 37.56 8.30 -9.31
N PRO A 407 38.72 7.98 -8.71
CA PRO A 407 39.72 7.15 -9.39
C PRO A 407 39.30 5.69 -9.44
N GLY A 408 39.62 5.03 -10.54
CA GLY A 408 39.31 3.63 -10.69
C GLY A 408 40.48 2.83 -10.17
N TRP A 409 40.27 1.54 -9.89
CA TRP A 409 41.33 0.68 -9.38
C TRP A 409 41.99 -0.15 -10.46
N LYS A 410 41.35 -0.23 -11.62
CA LYS A 410 41.89 -0.98 -12.75
C LYS A 410 42.54 -2.29 -12.34
N ALA A 411 41.73 -3.18 -11.79
CA ALA A 411 42.20 -4.50 -11.35
C ALA A 411 40.97 -5.37 -11.13
N ASP A 412 41.16 -6.69 -11.28
CA ASP A 412 40.09 -7.67 -11.14
C ASP A 412 39.75 -7.95 -9.69
N THR A 413 38.50 -7.69 -9.31
CA THR A 413 38.05 -7.92 -7.94
C THR A 413 37.13 -9.13 -7.84
N THR A 414 36.94 -9.80 -8.98
CA THR A 414 36.09 -10.98 -9.06
C THR A 414 36.39 -12.07 -8.01
N GLY A 415 37.65 -12.19 -7.61
CA GLY A 415 38.00 -13.21 -6.63
C GLY A 415 38.03 -12.75 -5.19
N ALA A 416 37.73 -11.47 -4.96
CA ALA A 416 37.71 -10.91 -3.61
C ALA A 416 36.64 -11.58 -2.76
N ARG A 417 37.03 -11.99 -1.56
CA ARG A 417 36.12 -12.65 -0.64
C ARG A 417 36.20 -11.95 0.72
N LYS A 418 37.10 -10.98 0.80
CA LYS A 418 37.35 -10.25 2.04
C LYS A 418 37.62 -8.78 1.73
N TRP A 419 37.23 -7.88 2.64
CA TRP A 419 37.45 -6.45 2.44
C TRP A 419 38.88 -6.08 2.11
N GLU A 420 39.83 -6.80 2.71
CA GLU A 420 41.23 -6.52 2.46
C GLU A 420 41.67 -6.96 1.06
N ASP A 421 40.83 -7.74 0.38
CA ASP A 421 41.15 -8.20 -0.97
C ASP A 421 40.87 -7.11 -1.99
N LEU A 422 40.06 -6.13 -1.62
CA LEU A 422 39.72 -5.04 -2.53
C LEU A 422 40.84 -4.02 -2.58
N PRO A 423 41.25 -3.62 -3.79
CA PRO A 423 42.34 -2.65 -3.92
C PRO A 423 41.92 -1.32 -3.27
N PRO A 424 42.89 -0.49 -2.86
CA PRO A 424 42.57 0.79 -2.24
C PRO A 424 41.47 1.64 -2.89
N GLN A 425 41.51 1.81 -4.19
CA GLN A 425 40.48 2.63 -4.84
C GLN A 425 39.10 2.00 -4.90
N ALA A 426 39.04 0.67 -4.81
CA ALA A 426 37.76 -0.01 -4.81
C ALA A 426 37.16 0.21 -3.44
N GLN A 427 38.01 0.19 -2.41
CA GLN A 427 37.54 0.41 -1.04
C GLN A 427 36.99 1.83 -0.92
N SER A 428 37.68 2.78 -1.55
CA SER A 428 37.25 4.19 -1.49
C SER A 428 35.90 4.38 -2.16
N TYR A 429 35.64 3.61 -3.20
CA TYR A 429 34.37 3.69 -3.90
C TYR A 429 33.28 3.23 -2.92
N VAL A 430 33.57 2.15 -2.18
CA VAL A 430 32.60 1.65 -1.22
C VAL A 430 32.34 2.70 -0.13
N ARG A 431 33.41 3.18 0.49
CA ARG A 431 33.27 4.19 1.54
C ARG A 431 32.53 5.41 1.00
N PHE A 432 32.88 5.84 -0.20
CA PHE A 432 32.22 7.00 -0.79
C PHE A 432 30.70 6.89 -0.73
N VAL A 433 30.19 5.76 -1.20
CA VAL A 433 28.75 5.49 -1.25
C VAL A 433 28.13 5.50 0.16
N GLU A 434 28.87 4.90 1.08
CA GLU A 434 28.47 4.78 2.48
C GLU A 434 28.43 6.15 3.16
N ASN A 435 29.43 6.96 2.89
CA ASN A 435 29.50 8.30 3.49
C ASN A 435 28.47 9.26 2.91
N HIS A 436 28.21 9.15 1.62
CA HIS A 436 27.25 10.04 0.97
C HIS A 436 25.81 9.67 1.26
N MET A 437 25.59 8.46 1.75
CA MET A 437 24.24 8.05 2.05
C MET A 437 23.94 7.95 3.53
N GLY A 438 24.99 7.86 4.35
CA GLY A 438 24.81 7.78 5.78
C GLY A 438 24.32 6.41 6.20
N VAL A 439 24.40 5.45 5.29
CA VAL A 439 23.99 4.08 5.56
C VAL A 439 25.17 3.16 5.28
N ALA A 440 25.50 2.31 6.24
CA ALA A 440 26.62 1.39 6.10
C ALA A 440 26.41 0.34 5.02
N VAL A 441 27.47 0.06 4.26
CA VAL A 441 27.41 -0.99 3.24
C VAL A 441 27.72 -2.28 3.99
N LYS A 442 26.82 -3.24 3.95
CA LYS A 442 27.01 -4.50 4.65
C LYS A 442 27.49 -5.62 3.72
N TRP A 443 27.22 -5.47 2.43
CA TRP A 443 27.63 -6.47 1.45
C TRP A 443 28.13 -5.82 0.17
N VAL A 444 29.13 -6.45 -0.44
CA VAL A 444 29.69 -5.99 -1.70
C VAL A 444 29.69 -7.17 -2.66
N GLY A 445 29.03 -7.01 -3.80
CA GLY A 445 28.99 -8.08 -4.78
C GLY A 445 30.10 -7.92 -5.81
N VAL A 446 30.78 -9.02 -6.11
CA VAL A 446 31.86 -9.00 -7.09
C VAL A 446 31.64 -10.03 -8.18
N GLY A 447 30.45 -10.62 -8.19
CA GLY A 447 30.10 -11.63 -9.19
C GLY A 447 28.66 -12.09 -9.10
N LYS A 448 28.19 -12.83 -10.11
CA LYS A 448 26.83 -13.34 -10.16
C LYS A 448 26.55 -14.44 -9.13
N SER A 449 27.52 -15.33 -8.94
CA SER A 449 27.35 -16.45 -8.02
C SER A 449 27.24 -16.06 -6.55
N ARG A 450 26.69 -16.98 -5.76
CA ARG A 450 26.49 -16.78 -4.33
C ARG A 450 27.77 -16.51 -3.55
N GLU A 451 28.86 -17.17 -3.90
CA GLU A 451 30.11 -16.97 -3.17
C GLU A 451 30.79 -15.66 -3.53
N SER A 452 30.43 -15.09 -4.67
CA SER A 452 31.02 -13.84 -5.12
C SER A 452 30.44 -12.65 -4.36
N MET A 453 30.67 -12.62 -3.06
CA MET A 453 30.18 -11.58 -2.19
C MET A 453 31.08 -11.36 -0.98
N ILE A 454 31.11 -10.13 -0.49
CA ILE A 454 31.90 -9.81 0.66
C ILE A 454 31.00 -9.16 1.72
N GLN A 455 30.94 -9.77 2.91
CA GLN A 455 30.15 -9.20 3.99
C GLN A 455 31.12 -8.33 4.80
N LEU A 456 30.72 -7.10 5.07
CA LEU A 456 31.58 -6.18 5.80
C LEU A 456 31.16 -5.96 7.24
N PHE A 457 29.88 -6.16 7.51
CA PHE A 457 29.35 -5.95 8.85
C PHE A 457 28.55 -7.18 9.29
N ALA B 27 19.84 8.82 16.94
CA ALA B 27 19.10 10.06 16.58
C ALA B 27 18.90 10.13 15.07
N ALA B 28 19.36 9.09 14.37
CA ALA B 28 19.26 9.03 12.92
C ALA B 28 17.81 8.80 12.47
N THR B 29 17.04 8.11 13.31
CA THR B 29 15.64 7.82 13.00
C THR B 29 14.78 9.06 12.85
N GLY B 30 14.66 9.81 13.94
CA GLY B 30 13.83 11.00 13.92
C GLY B 30 12.58 10.72 14.72
N SER B 31 11.73 11.74 14.89
CA SER B 31 10.52 11.54 15.66
C SER B 31 9.64 10.48 15.02
N ARG B 32 8.72 9.95 15.80
CA ARG B 32 7.81 8.91 15.34
C ARG B 32 6.40 9.48 15.34
N VAL B 33 5.60 9.11 14.35
CA VAL B 33 4.24 9.62 14.28
C VAL B 33 3.29 8.77 15.10
N THR B 34 2.21 9.40 15.56
CA THR B 34 1.16 8.72 16.31
C THR B 34 0.07 8.48 15.28
N VAL B 35 -0.51 7.29 15.29
CA VAL B 35 -1.54 6.94 14.33
C VAL B 35 -2.88 6.56 14.95
N VAL B 36 -3.96 6.98 14.31
CA VAL B 36 -5.34 6.69 14.72
C VAL B 36 -6.01 5.92 13.58
N LEU B 37 -6.32 4.64 13.82
CA LEU B 37 -6.95 3.80 12.80
C LEU B 37 -8.32 3.23 13.19
N GLY B 38 -9.09 2.85 12.17
CA GLY B 38 -10.40 2.27 12.40
C GLY B 38 -10.24 0.77 12.56
N ALA B 39 -10.79 0.22 13.64
CA ALA B 39 -10.67 -1.21 13.92
C ALA B 39 -11.78 -2.10 13.37
N GLN B 40 -12.86 -1.49 12.92
CA GLN B 40 -13.98 -2.24 12.40
C GLN B 40 -14.33 -1.88 10.96
N TRP B 41 -15.56 -1.41 10.75
CA TRP B 41 -16.03 -1.03 9.42
C TRP B 41 -16.30 0.47 9.28
N GLY B 42 -15.51 1.28 9.97
CA GLY B 42 -15.65 2.72 9.87
C GLY B 42 -16.55 3.40 10.90
N ASP B 43 -16.56 4.72 10.85
CA ASP B 43 -17.37 5.55 11.75
C ASP B 43 -17.26 5.09 13.22
N GLU B 44 -16.04 4.72 13.61
CA GLU B 44 -15.79 4.28 14.98
C GLU B 44 -15.57 5.47 15.90
N GLY B 45 -15.26 6.63 15.32
CA GLY B 45 -15.00 7.82 16.11
C GLY B 45 -13.58 8.33 15.92
N LYS B 46 -13.02 8.08 14.73
CA LYS B 46 -11.67 8.52 14.42
C LYS B 46 -11.55 10.03 14.50
N GLY B 47 -12.60 10.73 14.06
CA GLY B 47 -12.59 12.19 14.10
C GLY B 47 -12.47 12.70 15.51
N LYS B 48 -13.27 12.11 16.39
CA LYS B 48 -13.28 12.50 17.80
C LYS B 48 -11.93 12.25 18.44
N VAL B 49 -11.38 11.06 18.23
CA VAL B 49 -10.08 10.74 18.81
C VAL B 49 -8.98 11.61 18.21
N VAL B 50 -8.95 11.77 16.88
CA VAL B 50 -7.89 12.60 16.30
C VAL B 50 -7.96 14.02 16.85
N ASP B 51 -9.17 14.56 16.92
CA ASP B 51 -9.35 15.92 17.44
C ASP B 51 -8.78 16.07 18.84
N LEU B 52 -9.04 15.08 19.70
CA LEU B 52 -8.54 15.11 21.07
C LEU B 52 -7.02 15.12 21.09
N LEU B 53 -6.40 14.27 20.28
CA LEU B 53 -4.96 14.17 20.26
C LEU B 53 -4.27 15.30 19.46
N ALA B 54 -5.04 16.04 18.67
CA ALA B 54 -4.48 17.10 17.85
C ALA B 54 -4.36 18.45 18.56
N THR B 55 -4.98 18.56 19.74
CA THR B 55 -4.96 19.81 20.49
C THR B 55 -3.56 20.38 20.72
N ASP B 56 -2.54 19.53 20.69
CA ASP B 56 -1.17 20.01 20.85
C ASP B 56 -0.24 19.43 19.78
N ALA B 57 -0.81 19.00 18.66
CA ALA B 57 -0.01 18.43 17.58
C ALA B 57 0.54 19.51 16.66
N ASP B 58 1.72 19.27 16.10
CA ASP B 58 2.31 20.23 15.19
C ASP B 58 1.78 20.00 13.78
N ILE B 59 1.58 18.73 13.45
CA ILE B 59 1.09 18.33 12.15
C ILE B 59 0.06 17.22 12.30
N VAL B 60 -1.07 17.39 11.63
CA VAL B 60 -2.14 16.39 11.63
C VAL B 60 -2.36 16.07 10.16
N SER B 61 -2.36 14.78 9.80
CA SER B 61 -2.49 14.43 8.40
C SER B 61 -3.33 13.21 8.00
N ARG B 62 -3.64 13.17 6.70
CA ARG B 62 -4.40 12.07 6.10
C ARG B 62 -3.43 11.36 5.19
N CYS B 63 -3.46 10.03 5.18
CA CYS B 63 -2.52 9.28 4.35
C CYS B 63 -3.15 8.43 3.25
N GLN B 64 -4.45 8.14 3.38
CA GLN B 64 -5.15 7.33 2.37
C GLN B 64 -6.62 7.72 2.28
N GLY B 65 -7.30 7.18 1.27
CA GLY B 65 -8.72 7.46 1.10
C GLY B 65 -9.01 8.82 0.47
N GLY B 66 -10.28 9.20 0.49
CA GLY B 66 -10.70 10.48 -0.06
C GLY B 66 -11.88 10.98 0.76
N ASN B 67 -12.79 11.73 0.14
CA ASN B 67 -13.94 12.24 0.87
C ASN B 67 -15.10 11.27 0.94
N ASN B 68 -14.80 9.99 0.80
CA ASN B 68 -15.82 8.95 0.93
C ASN B 68 -15.93 8.82 2.46
N ALA B 69 -14.91 9.33 3.15
CA ALA B 69 -14.87 9.28 4.60
C ALA B 69 -15.60 10.47 5.22
N GLY B 70 -16.11 10.30 6.43
CA GLY B 70 -16.81 11.36 7.14
C GLY B 70 -16.42 11.33 8.60
N HIS B 71 -15.77 12.38 9.07
CA HIS B 71 -15.32 12.43 10.45
C HIS B 71 -15.90 13.57 11.25
N THR B 72 -16.73 13.22 12.22
CA THR B 72 -17.40 14.19 13.06
C THR B 72 -16.57 14.62 14.25
N VAL B 73 -16.50 15.93 14.45
CA VAL B 73 -15.76 16.51 15.56
C VAL B 73 -16.69 17.48 16.27
N VAL B 74 -16.76 17.38 17.59
CA VAL B 74 -17.61 18.26 18.38
C VAL B 74 -16.79 18.96 19.46
N VAL B 75 -16.71 20.28 19.33
CA VAL B 75 -15.94 21.10 20.27
C VAL B 75 -16.66 22.40 20.59
N ASP B 76 -16.83 22.69 21.88
CA ASP B 76 -17.49 23.91 22.31
C ASP B 76 -18.86 24.11 21.68
N GLY B 77 -19.75 23.13 21.86
CA GLY B 77 -21.09 23.23 21.30
C GLY B 77 -21.08 23.53 19.81
N LYS B 78 -19.99 23.17 19.15
CA LYS B 78 -19.87 23.38 17.72
C LYS B 78 -19.53 22.04 17.07
N GLU B 79 -20.34 21.64 16.09
CA GLU B 79 -20.11 20.37 15.41
C GLU B 79 -19.58 20.53 14.00
N TYR B 80 -18.46 19.88 13.74
CA TYR B 80 -17.80 19.92 12.44
C TYR B 80 -17.94 18.60 11.72
N ASP B 81 -17.82 18.65 10.40
CA ASP B 81 -17.97 17.48 9.55
C ASP B 81 -16.84 17.44 8.51
N PHE B 82 -15.81 16.64 8.74
CA PHE B 82 -14.67 16.58 7.81
C PHE B 82 -14.63 15.36 6.91
N HIS B 83 -14.03 15.54 5.74
CA HIS B 83 -13.92 14.47 4.75
C HIS B 83 -12.53 14.40 4.17
N LEU B 84 -12.08 15.49 3.55
CA LEU B 84 -10.74 15.56 2.96
C LEU B 84 -9.80 16.35 3.87
N LEU B 85 -10.35 17.32 4.59
CA LEU B 85 -9.56 18.12 5.52
C LEU B 85 -9.28 17.27 6.76
N PRO B 86 -8.01 17.24 7.21
CA PRO B 86 -7.68 16.45 8.41
C PRO B 86 -8.49 17.02 9.55
N SER B 87 -8.92 16.17 10.48
CA SER B 87 -9.72 16.65 11.59
C SER B 87 -9.03 17.73 12.40
N GLY B 88 -7.70 17.72 12.39
CA GLY B 88 -6.96 18.72 13.14
C GLY B 88 -7.01 20.12 12.56
N ILE B 89 -7.65 20.26 11.40
CA ILE B 89 -7.74 21.57 10.76
C ILE B 89 -8.31 22.62 11.72
N ILE B 90 -8.95 22.15 12.78
CA ILE B 90 -9.53 23.01 13.82
C ILE B 90 -8.44 23.74 14.59
N ASN B 91 -7.34 23.04 14.84
CA ASN B 91 -6.20 23.61 15.57
C ASN B 91 -5.50 24.62 14.67
N THR B 92 -5.63 25.90 15.00
CA THR B 92 -5.02 26.97 14.22
C THR B 92 -3.50 27.04 14.35
N LYS B 93 -2.93 26.30 15.30
CA LYS B 93 -1.48 26.33 15.50
C LYS B 93 -0.82 25.07 14.95
N ALA B 94 -1.61 24.26 14.27
CA ALA B 94 -1.09 23.03 13.68
C ALA B 94 -1.21 23.09 12.18
N VAL B 95 -0.36 22.34 11.48
CA VAL B 95 -0.43 22.31 10.04
C VAL B 95 -1.14 21.02 9.66
N SER B 96 -2.17 21.14 8.84
CA SER B 96 -2.93 19.98 8.37
C SER B 96 -2.30 19.55 7.06
N PHE B 97 -2.07 18.25 6.92
CA PHE B 97 -1.39 17.71 5.75
C PHE B 97 -2.10 16.55 5.05
N ILE B 98 -2.19 16.64 3.73
CA ILE B 98 -2.82 15.61 2.90
C ILE B 98 -1.70 14.91 2.12
N GLY B 99 -1.45 13.65 2.46
CA GLY B 99 -0.40 12.89 1.82
C GLY B 99 -0.67 12.37 0.41
N ASN B 100 0.36 11.76 -0.16
CA ASN B 100 0.33 11.20 -1.51
C ASN B 100 -0.65 10.03 -1.70
N GLY B 101 -1.04 9.38 -0.61
CA GLY B 101 -1.95 8.26 -0.73
C GLY B 101 -3.41 8.65 -0.88
N VAL B 102 -3.73 9.90 -0.55
CA VAL B 102 -5.09 10.40 -0.64
C VAL B 102 -5.51 10.73 -2.07
N VAL B 103 -6.79 10.53 -2.39
CA VAL B 103 -7.32 10.85 -3.71
C VAL B 103 -8.22 12.06 -3.50
N ILE B 104 -7.90 13.14 -4.21
CA ILE B 104 -8.61 14.39 -4.06
C ILE B 104 -9.61 14.80 -5.13
N HIS B 105 -10.81 15.14 -4.68
CA HIS B 105 -11.84 15.63 -5.60
C HIS B 105 -11.90 17.12 -5.25
N LEU B 106 -11.34 17.97 -6.10
CA LEU B 106 -11.30 19.40 -5.83
C LEU B 106 -12.62 20.10 -5.52
N PRO B 107 -13.68 19.84 -6.31
CA PRO B 107 -14.93 20.52 -5.97
C PRO B 107 -15.35 20.16 -4.53
N GLY B 108 -15.30 18.87 -4.23
CA GLY B 108 -15.67 18.43 -2.90
C GLY B 108 -14.77 19.04 -1.86
N LEU B 109 -13.46 19.07 -2.12
CA LEU B 109 -12.54 19.65 -1.16
C LEU B 109 -12.97 21.06 -0.77
N PHE B 110 -13.10 21.95 -1.74
CA PHE B 110 -13.50 23.33 -1.43
C PHE B 110 -14.94 23.47 -0.94
N GLU B 111 -15.82 22.56 -1.36
CA GLU B 111 -17.20 22.62 -0.92
C GLU B 111 -17.22 22.33 0.59
N GLU B 112 -16.36 21.41 1.01
CA GLU B 112 -16.23 21.02 2.41
C GLU B 112 -15.67 22.19 3.22
N ALA B 113 -14.69 22.88 2.66
CA ALA B 113 -14.07 24.00 3.36
C ALA B 113 -15.06 25.14 3.59
N GLU B 114 -15.83 25.49 2.57
CA GLU B 114 -16.78 26.58 2.71
C GLU B 114 -17.92 26.22 3.66
N LYS B 115 -18.28 24.94 3.73
CA LYS B 115 -19.34 24.56 4.64
C LYS B 115 -18.85 24.84 6.06
N ASN B 116 -17.57 24.55 6.29
CA ASN B 116 -16.95 24.78 7.59
C ASN B 116 -16.57 26.24 7.85
N GLU B 117 -16.40 27.01 6.78
CA GLU B 117 -16.08 28.43 6.94
C GLU B 117 -17.30 29.08 7.59
N LYS B 118 -18.47 28.73 7.08
CA LYS B 118 -19.72 29.27 7.60
C LYS B 118 -19.94 28.79 9.04
N LYS B 119 -18.96 28.07 9.57
CA LYS B 119 -19.06 27.56 10.95
C LYS B 119 -17.99 28.16 11.85
N GLY B 120 -17.14 29.00 11.29
CA GLY B 120 -16.10 29.62 12.08
C GLY B 120 -14.69 29.22 11.71
N LEU B 121 -14.54 28.35 10.72
CA LEU B 121 -13.20 27.94 10.32
C LEU B 121 -12.58 29.08 9.53
N LYS B 122 -11.45 29.61 10.03
CA LYS B 122 -10.78 30.72 9.38
C LYS B 122 -9.32 30.48 9.02
N ASP B 123 -8.93 30.98 7.86
CA ASP B 123 -7.56 30.87 7.38
C ASP B 123 -7.03 29.45 7.22
N TRP B 124 -7.93 28.50 7.03
CA TRP B 124 -7.52 27.10 6.88
C TRP B 124 -6.51 26.94 5.75
N GLU B 125 -6.72 27.65 4.64
CA GLU B 125 -5.83 27.56 3.49
C GLU B 125 -4.38 27.93 3.85
N LYS B 126 -4.19 28.60 4.98
CA LYS B 126 -2.86 28.99 5.41
C LYS B 126 -2.17 27.92 6.25
N ARG B 127 -2.94 26.94 6.74
CA ARG B 127 -2.34 25.88 7.54
C ARG B 127 -2.64 24.52 6.95
N LEU B 128 -2.88 24.48 5.65
CA LEU B 128 -3.17 23.24 4.94
C LEU B 128 -2.13 23.00 3.86
N ILE B 129 -1.46 21.85 3.93
CA ILE B 129 -0.43 21.50 2.94
C ILE B 129 -0.89 20.27 2.18
N ILE B 130 -0.71 20.28 0.87
CA ILE B 130 -1.13 19.17 0.03
C ILE B 130 0.03 18.55 -0.75
N SER B 131 0.22 17.24 -0.56
CA SER B 131 1.30 16.51 -1.24
C SER B 131 1.09 16.49 -2.75
N ASP B 132 2.09 16.97 -3.50
CA ASP B 132 1.97 17.03 -4.96
C ASP B 132 1.94 15.68 -5.68
N ARG B 133 2.03 14.59 -4.92
CA ARG B 133 1.99 13.26 -5.51
C ARG B 133 0.62 12.59 -5.33
N ALA B 134 -0.30 13.28 -4.67
CA ALA B 134 -1.64 12.74 -4.45
C ALA B 134 -2.40 12.76 -5.78
N HIS B 135 -3.26 11.76 -5.97
CA HIS B 135 -4.03 11.67 -7.20
C HIS B 135 -5.30 12.49 -7.18
N LEU B 136 -5.83 12.76 -8.36
CA LEU B 136 -7.04 13.55 -8.48
C LEU B 136 -8.26 12.75 -8.87
N VAL B 137 -9.35 13.00 -8.16
CA VAL B 137 -10.60 12.35 -8.49
C VAL B 137 -11.31 13.31 -9.44
N PHE B 138 -11.53 12.89 -10.68
CA PHE B 138 -12.21 13.78 -11.62
C PHE B 138 -13.71 13.55 -11.60
N ASP B 139 -14.46 14.58 -11.96
CA ASP B 139 -15.91 14.46 -11.96
C ASP B 139 -16.39 13.18 -12.62
N PHE B 140 -15.81 12.80 -13.75
CA PHE B 140 -16.23 11.58 -14.42
C PHE B 140 -15.89 10.31 -13.64
N HIS B 141 -15.03 10.43 -12.63
CA HIS B 141 -14.69 9.29 -11.80
C HIS B 141 -15.88 9.02 -10.90
N GLN B 142 -16.49 10.08 -10.38
CA GLN B 142 -17.64 9.90 -9.52
C GLN B 142 -18.82 9.39 -10.35
N ALA B 143 -19.00 9.95 -11.53
CA ALA B 143 -20.07 9.53 -12.41
C ALA B 143 -19.93 8.05 -12.72
N VAL B 144 -18.76 7.63 -13.18
CA VAL B 144 -18.53 6.22 -13.48
C VAL B 144 -18.76 5.34 -12.27
N ASP B 145 -18.61 5.90 -11.07
CA ASP B 145 -18.81 5.15 -9.84
C ASP B 145 -20.31 4.87 -9.72
N GLY B 146 -21.12 5.88 -10.04
CA GLY B 146 -22.56 5.73 -9.99
C GLY B 146 -23.01 4.70 -11.01
N LEU B 147 -22.48 4.82 -12.22
CA LEU B 147 -22.81 3.90 -13.30
C LEU B 147 -22.46 2.44 -12.96
N GLN B 148 -21.25 2.19 -12.50
CA GLN B 148 -20.82 0.85 -12.15
C GLN B 148 -21.73 0.25 -11.08
N GLU B 149 -22.05 1.09 -10.10
CA GLU B 149 -22.89 0.70 -8.98
C GLU B 149 -24.27 0.30 -9.50
N VAL B 150 -24.86 1.14 -10.34
CA VAL B 150 -26.18 0.85 -10.91
C VAL B 150 -26.13 -0.37 -11.83
N GLN B 151 -25.13 -0.41 -12.70
CA GLN B 151 -24.99 -1.54 -13.61
C GLN B 151 -24.88 -2.85 -12.85
N ARG B 152 -23.94 -2.91 -11.91
CA ARG B 152 -23.75 -4.12 -11.12
C ARG B 152 -25.02 -4.51 -10.37
N GLN B 153 -25.92 -3.56 -10.19
CA GLN B 153 -27.17 -3.82 -9.49
C GLN B 153 -28.20 -4.45 -10.44
N ALA B 154 -28.25 -3.95 -11.67
CA ALA B 154 -29.18 -4.47 -12.67
C ALA B 154 -28.65 -5.70 -13.39
N GLN B 155 -27.42 -6.10 -13.06
CA GLN B 155 -26.81 -7.28 -13.69
C GLN B 155 -26.80 -8.48 -12.75
N GLU B 156 -26.18 -8.33 -11.59
CA GLU B 156 -26.12 -9.42 -10.62
C GLU B 156 -27.00 -9.18 -9.38
N GLY B 157 -27.95 -8.27 -9.50
CA GLY B 157 -28.85 -7.98 -8.40
C GLY B 157 -28.21 -7.59 -7.07
N LYS B 158 -27.00 -7.06 -7.14
CA LYS B 158 -26.26 -6.63 -5.94
C LYS B 158 -25.01 -5.85 -6.32
N ASN B 159 -24.82 -4.68 -5.71
CA ASN B 159 -23.63 -3.87 -5.97
C ASN B 159 -22.76 -3.87 -4.71
N ILE B 160 -21.94 -2.84 -4.53
CA ILE B 160 -21.06 -2.80 -3.36
C ILE B 160 -21.57 -1.92 -2.24
N GLY B 161 -22.30 -0.86 -2.59
CA GLY B 161 -22.81 0.05 -1.58
C GLY B 161 -21.84 1.20 -1.43
N THR B 162 -21.08 1.45 -2.49
CA THR B 162 -20.10 2.54 -2.54
C THR B 162 -20.74 3.86 -2.13
N THR B 163 -19.91 4.82 -1.75
CA THR B 163 -20.40 6.14 -1.36
C THR B 163 -20.57 6.99 -2.63
N LYS B 164 -20.22 6.39 -3.77
CA LYS B 164 -20.31 7.06 -5.07
C LYS B 164 -19.49 8.34 -5.20
N LYS B 165 -18.40 8.43 -4.44
CA LYS B 165 -17.55 9.60 -4.50
C LYS B 165 -16.38 9.42 -5.46
N GLY B 166 -16.45 8.38 -6.28
CA GLY B 166 -15.41 8.12 -7.26
C GLY B 166 -14.10 7.55 -6.72
N ILE B 167 -14.12 7.05 -5.49
CA ILE B 167 -12.90 6.52 -4.89
C ILE B 167 -12.31 5.31 -5.63
N GLY B 168 -13.11 4.28 -5.84
CA GLY B 168 -12.63 3.10 -6.54
C GLY B 168 -12.08 3.42 -7.92
N PRO B 169 -12.87 4.09 -8.78
CA PRO B 169 -12.42 4.45 -10.13
C PRO B 169 -11.10 5.24 -10.17
N THR B 170 -10.93 6.16 -9.24
CA THR B 170 -9.72 6.95 -9.18
C THR B 170 -8.53 6.06 -8.77
N TYR B 171 -8.73 5.18 -7.79
CA TYR B 171 -7.65 4.28 -7.41
C TYR B 171 -7.37 3.31 -8.57
N SER B 172 -8.41 3.04 -9.36
CA SER B 172 -8.23 2.14 -10.50
C SER B 172 -7.36 2.84 -11.54
N SER B 173 -7.62 4.12 -11.75
CA SER B 173 -6.84 4.94 -12.68
C SER B 173 -5.40 5.08 -12.20
N LYS B 174 -5.22 5.04 -10.88
CA LYS B 174 -3.88 5.16 -10.29
C LYS B 174 -3.04 3.97 -10.67
N ALA B 175 -3.57 2.78 -10.43
CA ALA B 175 -2.89 1.53 -10.72
C ALA B 175 -2.51 1.43 -12.20
N ALA B 176 -3.36 1.96 -13.06
CA ALA B 176 -3.13 1.94 -14.50
C ALA B 176 -2.12 2.99 -14.92
N ARG B 177 -1.79 3.89 -14.00
CA ARG B 177 -0.84 4.96 -14.28
C ARG B 177 -1.40 5.90 -15.33
N THR B 178 -2.73 5.94 -15.40
CA THR B 178 -3.42 6.79 -16.35
C THR B 178 -4.03 7.98 -15.61
N GLY B 179 -4.13 7.86 -14.29
CA GLY B 179 -4.69 8.93 -13.49
C GLY B 179 -3.76 10.13 -13.46
N LEU B 180 -4.29 11.28 -13.07
CA LEU B 180 -3.49 12.50 -13.02
C LEU B 180 -3.27 12.94 -11.58
N ARG B 181 -2.11 13.55 -11.32
CA ARG B 181 -1.77 13.98 -9.98
C ARG B 181 -1.70 15.49 -9.82
N ILE B 182 -1.61 15.93 -8.57
CA ILE B 182 -1.54 17.35 -8.24
C ILE B 182 -0.43 18.07 -9.01
N CYS B 183 0.76 17.48 -9.05
CA CYS B 183 1.86 18.12 -9.75
C CYS B 183 1.53 18.33 -11.22
N ASP B 184 0.75 17.43 -11.79
CA ASP B 184 0.36 17.53 -13.19
C ASP B 184 -0.57 18.72 -13.43
N LEU B 185 -1.54 18.89 -12.54
CA LEU B 185 -2.51 19.97 -12.60
C LEU B 185 -1.81 21.32 -12.47
N LEU B 186 -0.65 21.31 -11.80
CA LEU B 186 0.11 22.53 -11.57
C LEU B 186 1.20 22.84 -12.60
N SER B 187 1.55 21.87 -13.43
CA SER B 187 2.57 22.12 -14.44
C SER B 187 1.87 22.66 -15.68
N ASP B 188 2.50 22.51 -16.84
CA ASP B 188 1.91 23.02 -18.07
C ASP B 188 0.48 22.53 -18.20
N PHE B 189 -0.48 23.46 -18.16
CA PHE B 189 -1.89 23.11 -18.25
C PHE B 189 -2.25 22.48 -19.59
N ASP B 190 -1.61 22.94 -20.67
CA ASP B 190 -1.89 22.40 -21.99
C ASP B 190 -1.66 20.89 -22.02
N GLU B 191 -0.55 20.44 -21.42
CA GLU B 191 -0.29 19.01 -21.39
C GLU B 191 -1.29 18.30 -20.49
N PHE B 192 -1.66 18.96 -19.39
CA PHE B 192 -2.63 18.40 -18.45
C PHE B 192 -3.98 18.18 -19.13
N SER B 193 -4.38 19.15 -19.94
CA SER B 193 -5.65 19.09 -20.66
C SER B 193 -5.64 17.88 -21.59
N ALA B 194 -4.55 17.74 -22.35
CA ALA B 194 -4.40 16.62 -23.27
C ALA B 194 -4.53 15.29 -22.54
N ARG B 195 -3.88 15.20 -21.37
CA ARG B 195 -3.92 14.00 -20.54
C ARG B 195 -5.33 13.76 -20.03
N PHE B 196 -5.95 14.83 -19.53
CA PHE B 196 -7.31 14.77 -19.00
C PHE B 196 -8.25 14.20 -20.05
N LYS B 197 -8.24 14.81 -21.23
CA LYS B 197 -9.09 14.40 -22.33
C LYS B 197 -8.95 12.91 -22.62
N ASN B 198 -7.71 12.44 -22.68
CA ASN B 198 -7.45 11.03 -22.94
C ASN B 198 -8.05 10.17 -21.84
N LEU B 199 -7.87 10.56 -20.58
CA LEU B 199 -8.42 9.80 -19.48
C LEU B 199 -9.94 9.79 -19.60
N ALA B 200 -10.50 10.94 -19.95
CA ALA B 200 -11.94 11.08 -20.11
C ALA B 200 -12.47 10.10 -21.15
N HIS B 201 -11.81 10.05 -22.30
CA HIS B 201 -12.21 9.16 -23.38
C HIS B 201 -12.25 7.71 -22.93
N GLN B 202 -11.11 7.24 -22.39
CA GLN B 202 -11.01 5.87 -21.93
C GLN B 202 -12.16 5.48 -21.03
N HIS B 203 -12.77 6.46 -20.38
CA HIS B 203 -13.89 6.22 -19.48
C HIS B 203 -15.22 6.20 -20.24
N GLN B 204 -15.34 7.02 -21.27
CA GLN B 204 -16.57 7.06 -22.05
C GLN B 204 -16.66 5.75 -22.84
N SER B 205 -15.51 5.16 -23.11
CA SER B 205 -15.45 3.89 -23.83
C SER B 205 -15.97 2.85 -22.86
N MET B 206 -15.51 2.94 -21.62
CA MET B 206 -15.89 2.04 -20.54
C MET B 206 -17.41 2.02 -20.40
N PHE B 207 -18.00 3.22 -20.45
CA PHE B 207 -19.44 3.40 -20.35
C PHE B 207 -19.83 4.42 -21.43
N PRO B 208 -20.26 3.92 -22.60
CA PRO B 208 -20.65 4.82 -23.70
C PRO B 208 -21.74 5.79 -23.26
N THR B 209 -22.47 5.41 -22.21
CA THR B 209 -23.53 6.24 -21.67
C THR B 209 -23.00 7.39 -20.83
N LEU B 210 -21.74 7.29 -20.41
CA LEU B 210 -21.10 8.32 -19.59
C LEU B 210 -21.08 9.67 -20.30
N GLU B 211 -21.46 10.72 -19.57
CA GLU B 211 -21.48 12.06 -20.13
C GLU B 211 -20.37 12.90 -19.54
N ILE B 212 -19.54 13.49 -20.39
CA ILE B 212 -18.44 14.32 -19.91
C ILE B 212 -18.25 15.64 -20.66
N ASP B 213 -18.50 16.75 -19.96
CA ASP B 213 -18.31 18.08 -20.54
C ASP B 213 -16.84 18.41 -20.28
N VAL B 214 -15.96 17.84 -21.10
CA VAL B 214 -14.52 18.03 -20.95
C VAL B 214 -14.08 19.48 -20.79
N GLU B 215 -14.65 20.38 -21.59
CA GLU B 215 -14.27 21.79 -21.52
C GLU B 215 -14.81 22.48 -20.27
N GLY B 216 -16.01 22.12 -19.85
CA GLY B 216 -16.56 22.73 -18.65
C GLY B 216 -15.74 22.31 -17.43
N GLN B 217 -15.35 21.04 -17.40
CA GLN B 217 -14.56 20.51 -16.30
C GLN B 217 -13.11 20.99 -16.29
N LEU B 218 -12.54 21.21 -17.47
CA LEU B 218 -11.16 21.70 -17.54
C LEU B 218 -11.09 23.14 -17.08
N LYS B 219 -12.17 23.88 -17.32
CA LYS B 219 -12.22 25.28 -16.92
C LYS B 219 -12.31 25.36 -15.41
N ARG B 220 -13.12 24.50 -14.81
CA ARG B 220 -13.25 24.49 -13.35
C ARG B 220 -11.91 24.04 -12.76
N LEU B 221 -11.28 23.05 -13.39
CA LEU B 221 -9.98 22.54 -12.92
C LEU B 221 -8.91 23.64 -13.03
N LYS B 222 -9.00 24.46 -14.06
CA LYS B 222 -8.06 25.57 -14.26
C LYS B 222 -8.17 26.48 -13.04
N GLY B 223 -9.40 26.72 -12.61
CA GLY B 223 -9.61 27.57 -11.45
C GLY B 223 -9.13 26.96 -10.13
N PHE B 224 -9.28 25.65 -9.99
CA PHE B 224 -8.84 24.96 -8.78
C PHE B 224 -7.32 24.97 -8.66
N ALA B 225 -6.66 24.89 -9.81
CA ALA B 225 -5.20 24.89 -9.83
C ALA B 225 -4.69 26.15 -9.12
N GLU B 226 -5.17 27.30 -9.59
CA GLU B 226 -4.79 28.59 -9.04
C GLU B 226 -5.06 28.64 -7.55
N ARG B 227 -6.25 28.19 -7.16
CA ARG B 227 -6.62 28.21 -5.76
C ARG B 227 -5.78 27.29 -4.87
N ILE B 228 -5.43 26.13 -5.39
CA ILE B 228 -4.68 25.16 -4.62
C ILE B 228 -3.15 25.30 -4.68
N ARG B 229 -2.65 25.97 -5.72
CA ARG B 229 -1.23 26.15 -5.90
C ARG B 229 -0.43 26.54 -4.65
N PRO B 230 -0.85 27.60 -3.93
CA PRO B 230 -0.07 27.97 -2.73
C PRO B 230 -0.01 26.96 -1.59
N MET B 231 -0.92 25.98 -1.58
CA MET B 231 -0.93 24.97 -0.52
C MET B 231 -0.16 23.72 -0.87
N VAL B 232 0.24 23.58 -2.14
CA VAL B 232 0.95 22.41 -2.59
C VAL B 232 2.45 22.40 -2.31
N ARG B 233 2.96 21.23 -1.97
CA ARG B 233 4.38 21.05 -1.69
C ARG B 233 4.76 19.61 -1.88
N ASP B 234 6.07 19.37 -1.95
CA ASP B 234 6.56 18.02 -2.09
C ASP B 234 6.35 17.34 -0.73
N GLY B 235 5.48 16.32 -0.70
CA GLY B 235 5.16 15.63 0.54
C GLY B 235 6.27 14.83 1.18
N VAL B 236 7.01 14.10 0.38
CA VAL B 236 8.11 13.27 0.87
C VAL B 236 9.11 14.10 1.65
N TYR B 237 9.50 15.22 1.07
CA TYR B 237 10.45 16.14 1.68
C TYR B 237 9.84 16.85 2.88
N PHE B 238 8.59 17.29 2.75
CA PHE B 238 7.90 17.97 3.83
C PHE B 238 7.87 17.11 5.09
N MET B 239 7.45 15.86 4.94
CA MET B 239 7.37 14.95 6.08
C MET B 239 8.75 14.52 6.56
N TYR B 240 9.72 14.43 5.66
CA TYR B 240 11.06 14.05 6.09
C TYR B 240 11.60 15.13 7.02
N GLU B 241 11.63 16.36 6.52
CA GLU B 241 12.14 17.49 7.30
C GLU B 241 11.41 17.62 8.64
N ALA B 242 10.13 17.33 8.64
CA ALA B 242 9.34 17.43 9.87
C ALA B 242 9.80 16.40 10.90
N LEU B 243 10.19 15.22 10.42
CA LEU B 243 10.62 14.15 11.31
C LEU B 243 12.10 14.12 11.66
N HIS B 244 12.92 14.91 10.96
CA HIS B 244 14.34 14.89 11.22
C HIS B 244 14.97 16.19 11.70
N GLY B 245 14.14 17.20 11.94
CA GLY B 245 14.66 18.47 12.43
C GLY B 245 14.32 18.61 13.90
N PRO B 246 13.96 19.82 14.36
CA PRO B 246 13.61 19.97 15.79
C PRO B 246 12.38 19.11 16.11
N PRO B 247 12.40 18.47 17.28
CA PRO B 247 11.28 17.61 17.72
C PRO B 247 9.89 18.17 17.46
N LYS B 248 9.07 17.40 16.75
CA LYS B 248 7.72 17.81 16.46
C LYS B 248 6.75 16.66 16.64
N LYS B 249 5.51 17.00 17.00
CA LYS B 249 4.48 16.00 17.23
C LYS B 249 3.64 15.88 15.96
N VAL B 250 3.72 14.71 15.34
CA VAL B 250 2.99 14.43 14.10
C VAL B 250 1.95 13.35 14.34
N LEU B 251 0.71 13.67 13.99
CA LEU B 251 -0.43 12.77 14.16
C LEU B 251 -0.99 12.38 12.79
N VAL B 252 -1.22 11.08 12.59
CA VAL B 252 -1.76 10.58 11.34
C VAL B 252 -3.18 10.03 11.53
N GLU B 253 -4.13 10.63 10.82
CA GLU B 253 -5.54 10.24 10.88
C GLU B 253 -5.91 9.28 9.75
N GLY B 254 -6.15 8.02 10.12
CA GLY B 254 -6.53 7.05 9.11
C GLY B 254 -7.98 7.28 8.76
N ALA B 255 -8.42 6.70 7.65
CA ALA B 255 -9.81 6.83 7.21
C ALA B 255 -10.39 5.44 6.96
N ASN B 256 -11.72 5.36 6.85
CA ASN B 256 -12.36 4.07 6.65
C ASN B 256 -11.91 3.16 7.80
N ALA B 257 -11.78 1.87 7.56
CA ALA B 257 -11.39 0.97 8.66
C ALA B 257 -10.74 -0.32 8.23
N ALA B 258 -10.19 -1.04 9.22
CA ALA B 258 -9.48 -2.29 8.98
C ALA B 258 -10.24 -3.27 8.12
N LEU B 259 -11.49 -3.54 8.46
CA LEU B 259 -12.28 -4.49 7.70
C LEU B 259 -12.80 -3.95 6.37
N LEU B 260 -12.40 -2.73 6.02
CA LEU B 260 -12.77 -2.16 4.73
C LEU B 260 -11.51 -2.08 3.87
N ASP B 261 -10.39 -2.53 4.43
CA ASP B 261 -9.10 -2.49 3.74
C ASP B 261 -9.11 -3.31 2.44
N ILE B 262 -8.65 -2.70 1.35
CA ILE B 262 -8.64 -3.36 0.04
C ILE B 262 -7.98 -4.73 0.06
N ASP B 263 -7.00 -4.91 0.92
CA ASP B 263 -6.30 -6.19 1.02
C ASP B 263 -6.88 -7.10 2.09
N PHE B 264 -7.11 -6.55 3.28
CA PHE B 264 -7.57 -7.34 4.42
C PHE B 264 -9.02 -7.30 4.82
N GLY B 265 -9.81 -6.43 4.20
CA GLY B 265 -11.22 -6.32 4.55
C GLY B 265 -12.09 -7.42 3.99
N THR B 266 -13.41 -7.23 4.06
CA THR B 266 -14.34 -8.22 3.56
C THR B 266 -14.54 -8.05 2.05
N TYR B 267 -13.43 -8.10 1.32
CA TYR B 267 -13.40 -7.98 -0.13
C TYR B 267 -14.48 -8.85 -0.76
N PRO B 268 -15.15 -8.37 -1.83
CA PRO B 268 -14.98 -7.08 -2.50
C PRO B 268 -15.75 -5.95 -1.84
N PHE B 269 -16.40 -6.23 -0.73
CA PHE B 269 -17.18 -5.23 -0.02
C PHE B 269 -16.28 -4.43 0.90
N VAL B 270 -15.38 -3.70 0.26
CA VAL B 270 -14.37 -2.89 0.92
C VAL B 270 -14.12 -1.64 0.09
N THR B 271 -13.27 -0.75 0.60
CA THR B 271 -12.93 0.46 -0.13
C THR B 271 -11.63 0.13 -0.87
N SER B 272 -11.17 1.04 -1.72
CA SER B 272 -9.99 0.76 -2.54
C SER B 272 -8.62 1.22 -2.08
N SER B 273 -8.42 1.38 -0.78
CA SER B 273 -7.11 1.77 -0.27
C SER B 273 -6.79 0.97 0.96
N ASN B 274 -5.55 1.04 1.41
CA ASN B 274 -5.17 0.31 2.60
C ASN B 274 -5.48 1.18 3.81
N CYS B 275 -6.47 0.77 4.59
CA CYS B 275 -6.90 1.49 5.77
C CYS B 275 -6.08 1.07 6.97
N THR B 276 -5.33 -0.01 6.82
CA THR B 276 -4.50 -0.53 7.88
C THR B 276 -3.20 0.26 8.02
N VAL B 277 -2.40 -0.11 9.02
CA VAL B 277 -1.15 0.60 9.31
C VAL B 277 -0.18 0.80 8.12
N GLY B 278 -0.03 -0.22 7.27
CA GLY B 278 0.87 -0.08 6.14
C GLY B 278 0.61 1.16 5.29
N GLY B 279 -0.67 1.54 5.18
CA GLY B 279 -1.04 2.71 4.41
C GLY B 279 -0.42 4.00 4.89
N VAL B 280 0.04 4.01 6.15
CA VAL B 280 0.68 5.19 6.70
C VAL B 280 2.00 5.38 5.94
N CYS B 281 2.74 4.28 5.81
CA CYS B 281 4.02 4.29 5.13
C CYS B 281 3.88 4.58 3.64
N THR B 282 3.00 3.86 2.97
CA THR B 282 2.80 4.07 1.54
C THR B 282 2.11 5.41 1.20
N GLY B 283 1.32 5.93 2.15
CA GLY B 283 0.62 7.17 1.91
C GLY B 283 1.31 8.46 2.31
N LEU B 284 2.44 8.35 3.00
CA LEU B 284 3.18 9.53 3.44
C LEU B 284 4.63 9.43 3.03
N GLY B 285 5.05 8.22 2.68
CA GLY B 285 6.43 8.03 2.30
C GLY B 285 7.39 8.03 3.48
N ILE B 286 6.97 7.46 4.60
CA ILE B 286 7.84 7.38 5.77
C ILE B 286 8.03 5.90 6.10
N PRO B 287 9.24 5.53 6.55
CA PRO B 287 9.50 4.13 6.88
C PRO B 287 8.96 3.70 8.25
N PRO B 288 8.82 2.40 8.47
CA PRO B 288 8.31 1.82 9.72
C PRO B 288 8.93 2.35 11.02
N GLN B 289 10.22 2.65 11.02
CA GLN B 289 10.86 3.15 12.23
C GLN B 289 10.35 4.53 12.63
N ASN B 290 9.63 5.21 11.74
CA ASN B 290 9.07 6.51 12.08
C ASN B 290 7.59 6.39 12.45
N ILE B 291 7.17 5.19 12.84
CA ILE B 291 5.80 4.99 13.26
C ILE B 291 5.83 4.67 14.74
N GLY B 292 5.19 5.52 15.54
CA GLY B 292 5.15 5.30 16.98
C GLY B 292 3.88 4.60 17.43
N ASP B 293 3.15 5.24 18.35
CA ASP B 293 1.89 4.66 18.84
C ASP B 293 0.88 4.55 17.73
N VAL B 294 0.20 3.40 17.67
CA VAL B 294 -0.84 3.15 16.68
C VAL B 294 -2.12 2.82 17.45
N TYR B 295 -3.05 3.77 17.48
CA TYR B 295 -4.29 3.58 18.21
C TYR B 295 -5.44 3.02 17.38
N GLY B 296 -6.10 2.01 17.94
CA GLY B 296 -7.23 1.40 17.28
C GLY B 296 -8.50 1.91 17.94
N VAL B 297 -9.32 2.63 17.17
CA VAL B 297 -10.58 3.16 17.68
C VAL B 297 -11.63 2.08 17.52
N VAL B 298 -12.17 1.59 18.64
CA VAL B 298 -13.17 0.54 18.55
C VAL B 298 -14.51 0.98 19.16
N LYS B 299 -15.56 0.88 18.36
CA LYS B 299 -16.89 1.25 18.83
C LYS B 299 -17.35 0.16 19.80
N ALA B 300 -18.05 0.56 20.87
CA ALA B 300 -18.55 -0.38 21.89
C ALA B 300 -19.50 -1.41 21.31
N TYR B 301 -19.97 -1.15 20.08
CA TYR B 301 -20.84 -2.05 19.35
C TYR B 301 -20.37 -1.90 17.92
N THR B 302 -20.87 -2.74 17.01
CA THR B 302 -20.44 -2.71 15.62
C THR B 302 -21.44 -2.11 14.63
N THR B 303 -20.95 -1.40 13.63
CA THR B 303 -21.79 -0.82 12.58
C THR B 303 -21.15 -1.04 11.22
N ARG B 304 -21.97 -1.03 10.18
CA ARG B 304 -21.51 -1.19 8.80
C ARG B 304 -22.44 -0.33 7.94
N VAL B 305 -21.96 0.16 6.80
CA VAL B 305 -22.78 0.99 5.93
C VAL B 305 -23.21 0.28 4.64
N GLY B 306 -22.25 -0.09 3.81
CA GLY B 306 -22.59 -0.75 2.57
C GLY B 306 -23.02 -2.19 2.70
N ILE B 307 -22.99 -2.89 1.56
CA ILE B 307 -23.36 -4.30 1.49
C ILE B 307 -22.20 -5.12 2.06
N GLY B 308 -22.45 -6.38 2.41
CA GLY B 308 -21.38 -7.22 2.94
C GLY B 308 -21.72 -7.95 4.22
N ALA B 309 -20.96 -9.00 4.50
CA ALA B 309 -21.14 -9.82 5.70
C ALA B 309 -21.08 -8.95 6.95
N PHE B 310 -21.83 -9.36 7.97
CA PHE B 310 -21.89 -8.64 9.23
C PHE B 310 -22.42 -9.63 10.28
N PRO B 311 -21.60 -10.62 10.65
CA PRO B 311 -21.94 -11.66 11.63
C PRO B 311 -22.80 -11.27 12.82
N THR B 312 -22.45 -10.20 13.52
CA THR B 312 -23.22 -9.79 14.70
C THR B 312 -24.34 -8.79 14.43
N GLU B 313 -24.74 -8.63 13.17
CA GLU B 313 -25.80 -7.70 12.81
C GLU B 313 -27.14 -8.01 13.46
N GLN B 314 -27.67 -7.05 14.20
CA GLN B 314 -28.94 -7.20 14.86
C GLN B 314 -30.03 -6.47 14.07
N ILE B 315 -30.81 -7.21 13.30
CA ILE B 315 -31.88 -6.59 12.55
C ILE B 315 -33.13 -6.86 13.38
N ASN B 316 -33.29 -6.06 14.44
CA ASN B 316 -34.40 -6.21 15.37
C ASN B 316 -34.47 -5.00 16.29
N GLU B 317 -35.12 -5.17 17.44
CA GLU B 317 -35.28 -4.10 18.41
C GLU B 317 -33.93 -3.61 18.90
N ILE B 318 -32.99 -4.54 19.12
CA ILE B 318 -31.67 -4.15 19.59
C ILE B 318 -30.98 -3.30 18.53
N GLY B 319 -31.00 -3.77 17.28
CA GLY B 319 -30.38 -3.02 16.21
C GLY B 319 -30.98 -1.63 16.11
N ASP B 320 -32.29 -1.54 16.31
CA ASP B 320 -33.01 -0.27 16.26
C ASP B 320 -32.61 0.64 17.42
N LEU B 321 -32.38 0.05 18.59
CA LEU B 321 -31.99 0.83 19.77
C LEU B 321 -30.59 1.45 19.60
N LEU B 322 -29.69 0.70 18.96
CA LEU B 322 -28.33 1.18 18.74
C LEU B 322 -28.27 2.26 17.66
N GLN B 323 -29.09 2.12 16.61
CA GLN B 323 -29.14 3.10 15.53
C GLN B 323 -29.62 4.44 16.07
N ASN B 324 -30.70 4.39 16.85
CA ASN B 324 -31.27 5.60 17.42
C ASN B 324 -30.42 6.23 18.52
N ARG B 325 -29.94 5.42 19.46
CA ARG B 325 -29.12 5.96 20.52
C ARG B 325 -27.74 6.36 20.01
N GLY B 326 -27.26 5.67 18.98
CA GLY B 326 -25.96 5.99 18.42
C GLY B 326 -25.97 6.92 17.21
N HIS B 327 -27.16 7.40 16.83
CA HIS B 327 -27.30 8.28 15.67
C HIS B 327 -26.61 7.68 14.47
N GLU B 328 -26.79 6.39 14.28
CA GLU B 328 -26.12 5.71 13.18
C GLU B 328 -26.84 5.86 11.84
N TRP B 329 -26.56 6.96 11.16
CA TRP B 329 -27.14 7.23 9.84
C TRP B 329 -26.28 8.27 9.12
N GLY B 330 -26.34 8.24 7.79
CA GLY B 330 -25.57 9.18 6.99
C GLY B 330 -25.79 10.63 7.34
N VAL B 331 -24.69 11.38 7.49
CA VAL B 331 -24.76 12.80 7.85
C VAL B 331 -25.61 13.63 6.90
N THR B 332 -25.55 13.35 5.60
CA THR B 332 -26.32 14.10 4.62
C THR B 332 -27.42 13.23 4.00
N THR B 333 -27.15 11.94 3.91
CA THR B 333 -28.09 10.99 3.32
C THR B 333 -29.22 10.57 4.26
N GLY B 334 -28.91 10.46 5.56
CA GLY B 334 -29.91 10.06 6.52
C GLY B 334 -30.14 8.57 6.52
N ARG B 335 -29.46 7.87 5.62
CA ARG B 335 -29.55 6.41 5.52
C ARG B 335 -29.00 5.77 6.80
N LYS B 336 -29.81 4.96 7.45
CA LYS B 336 -29.41 4.29 8.68
C LYS B 336 -28.33 3.23 8.46
N ARG B 337 -27.35 3.22 9.33
CA ARG B 337 -26.28 2.24 9.21
C ARG B 337 -26.71 0.97 9.93
N ARG B 338 -26.21 -0.17 9.47
CA ARG B 338 -26.53 -1.46 10.08
C ARG B 338 -25.79 -1.55 11.40
N CYS B 339 -26.47 -2.00 12.46
CA CYS B 339 -25.84 -2.11 13.77
C CYS B 339 -25.87 -3.53 14.33
N GLY B 340 -24.89 -3.83 15.18
CA GLY B 340 -24.79 -5.13 15.79
C GLY B 340 -23.96 -5.13 17.06
N TRP B 341 -23.90 -6.28 17.71
CA TRP B 341 -23.12 -6.43 18.93
C TRP B 341 -21.62 -6.34 18.61
N LEU B 342 -20.84 -6.07 19.64
CA LEU B 342 -19.39 -6.01 19.50
C LEU B 342 -18.99 -7.39 19.01
N ASP B 343 -18.08 -7.43 18.04
CA ASP B 343 -17.61 -8.68 17.46
C ASP B 343 -16.10 -8.78 17.65
N LEU B 344 -15.67 -9.60 18.60
CA LEU B 344 -14.24 -9.74 18.87
C LEU B 344 -13.43 -10.42 17.77
N MET B 345 -14.07 -11.15 16.87
CA MET B 345 -13.34 -11.79 15.78
C MET B 345 -12.71 -10.77 14.84
N ILE B 346 -13.47 -9.76 14.42
CA ILE B 346 -12.91 -8.78 13.50
C ILE B 346 -11.90 -7.88 14.21
N LEU B 347 -12.11 -7.67 15.51
CA LEU B 347 -11.20 -6.84 16.31
C LEU B 347 -9.84 -7.49 16.50
N ARG B 348 -9.80 -8.79 16.78
CA ARG B 348 -8.53 -9.48 16.96
C ARG B 348 -7.81 -9.61 15.62
N TYR B 349 -8.59 -9.76 14.55
CA TYR B 349 -8.03 -9.87 13.21
C TYR B 349 -7.40 -8.52 12.83
N ALA B 350 -8.11 -7.45 13.12
CA ALA B 350 -7.64 -6.09 12.83
C ALA B 350 -6.35 -5.84 13.59
N HIS B 351 -6.27 -6.35 14.82
CA HIS B 351 -5.07 -6.14 15.62
C HIS B 351 -3.88 -6.90 15.02
N MET B 352 -4.16 -8.05 14.43
CA MET B 352 -3.11 -8.83 13.81
C MET B 352 -2.39 -8.05 12.71
N VAL B 353 -3.13 -7.30 11.90
CA VAL B 353 -2.51 -6.54 10.82
C VAL B 353 -2.00 -5.17 11.24
N ASN B 354 -2.69 -4.52 12.16
CA ASN B 354 -2.30 -3.19 12.61
C ASN B 354 -1.38 -3.11 13.82
N GLY B 355 -1.36 -4.14 14.65
CA GLY B 355 -0.53 -4.12 15.84
C GLY B 355 -0.76 -2.90 16.73
N PHE B 356 -2.01 -2.68 17.13
CA PHE B 356 -2.37 -1.56 17.99
C PHE B 356 -1.53 -1.53 19.27
N THR B 357 -1.17 -0.34 19.73
CA THR B 357 -0.42 -0.21 20.97
C THR B 357 -1.35 0.17 22.11
N ALA B 358 -2.55 0.62 21.76
CA ALA B 358 -3.57 0.98 22.74
C ALA B 358 -4.90 1.19 22.01
N LEU B 359 -6.01 1.09 22.74
CA LEU B 359 -7.33 1.25 22.12
C LEU B 359 -8.10 2.46 22.61
N ALA B 360 -9.04 2.89 21.77
CA ALA B 360 -9.93 3.99 22.11
C ALA B 360 -11.30 3.32 22.00
N LEU B 361 -11.91 3.02 23.14
CA LEU B 361 -13.23 2.38 23.15
C LEU B 361 -14.27 3.49 23.20
N THR B 362 -14.98 3.67 22.09
CA THR B 362 -15.96 4.74 21.97
C THR B 362 -17.42 4.31 22.04
N LYS B 363 -18.27 5.31 22.25
CA LYS B 363 -19.72 5.16 22.31
C LYS B 363 -20.19 4.16 23.36
N LEU B 364 -19.50 4.16 24.48
CA LEU B 364 -19.82 3.29 25.59
C LEU B 364 -21.18 3.68 26.18
N ASP B 365 -21.41 4.99 26.23
CA ASP B 365 -22.65 5.55 26.77
C ASP B 365 -23.88 5.04 26.04
N ILE B 366 -23.69 4.58 24.81
CA ILE B 366 -24.82 4.06 24.04
C ILE B 366 -25.42 2.87 24.79
N LEU B 367 -24.56 2.10 25.43
CA LEU B 367 -24.98 0.91 26.16
C LEU B 367 -25.53 1.15 27.56
N ASP B 368 -25.61 2.41 27.99
CA ASP B 368 -26.13 2.77 29.31
C ASP B 368 -27.52 2.18 29.62
N VAL B 369 -28.32 1.97 28.58
CA VAL B 369 -29.70 1.48 28.74
C VAL B 369 -29.94 -0.02 28.75
N LEU B 370 -28.98 -0.81 28.28
CA LEU B 370 -29.19 -2.26 28.23
C LEU B 370 -28.99 -3.00 29.55
N SER B 371 -29.90 -3.92 29.84
CA SER B 371 -29.82 -4.72 31.06
C SER B 371 -28.71 -5.74 30.89
N GLU B 372 -28.53 -6.22 29.67
CA GLU B 372 -27.46 -7.16 29.37
C GLU B 372 -26.86 -6.82 28.02
N ILE B 373 -25.59 -7.18 27.84
CA ILE B 373 -24.89 -6.88 26.60
C ILE B 373 -24.23 -8.12 26.03
N LYS B 374 -24.44 -8.34 24.74
CA LYS B 374 -23.83 -9.49 24.08
C LYS B 374 -22.63 -9.07 23.23
N VAL B 375 -21.61 -9.92 23.23
CA VAL B 375 -20.42 -9.68 22.43
C VAL B 375 -19.97 -10.99 21.83
N GLY B 376 -19.71 -10.98 20.52
CA GLY B 376 -19.27 -12.18 19.84
C GLY B 376 -17.84 -12.48 20.21
N ILE B 377 -17.56 -13.72 20.61
CA ILE B 377 -16.22 -14.10 21.00
C ILE B 377 -15.56 -15.02 19.99
N SER B 378 -16.36 -15.65 19.14
CA SER B 378 -15.81 -16.53 18.11
C SER B 378 -16.86 -16.91 17.07
N TYR B 379 -16.41 -17.54 15.98
CA TYR B 379 -17.31 -17.98 14.93
C TYR B 379 -17.32 -19.50 14.87
N LYS B 380 -18.48 -20.07 14.60
CA LYS B 380 -18.61 -21.53 14.52
C LYS B 380 -19.20 -22.03 13.21
N LEU B 381 -18.72 -23.21 12.81
CA LEU B 381 -19.18 -23.88 11.61
C LEU B 381 -19.31 -25.35 12.00
N ASN B 382 -20.54 -25.80 12.24
CA ASN B 382 -20.79 -27.18 12.64
C ASN B 382 -20.41 -27.38 14.10
N GLY B 383 -20.73 -26.38 14.92
CA GLY B 383 -20.42 -26.46 16.34
C GLY B 383 -18.97 -26.30 16.72
N LYS B 384 -18.08 -26.21 15.74
CA LYS B 384 -16.65 -26.06 15.99
C LYS B 384 -16.12 -24.66 15.64
N ARG B 385 -15.34 -24.09 16.55
CA ARG B 385 -14.76 -22.77 16.35
C ARG B 385 -13.76 -22.75 15.21
N ILE B 386 -13.91 -21.81 14.29
CA ILE B 386 -12.98 -21.71 13.18
C ILE B 386 -11.73 -21.03 13.73
N PRO B 387 -10.55 -21.46 13.26
CA PRO B 387 -9.25 -20.94 13.69
C PRO B 387 -8.95 -19.46 13.43
N TYR B 388 -9.48 -18.93 12.34
CA TYR B 388 -9.19 -17.53 12.00
C TYR B 388 -10.24 -16.88 11.11
N PHE B 389 -10.12 -15.57 10.96
CA PHE B 389 -11.04 -14.79 10.13
C PHE B 389 -10.90 -15.25 8.69
N PRO B 390 -12.03 -15.57 8.05
CA PRO B 390 -12.16 -16.05 6.66
C PRO B 390 -11.82 -15.02 5.60
N ALA B 391 -10.96 -15.40 4.65
CA ALA B 391 -10.59 -14.53 3.55
C ALA B 391 -11.74 -14.51 2.56
N ASN B 392 -12.55 -15.57 2.57
CA ASN B 392 -13.69 -15.66 1.68
C ASN B 392 -14.93 -15.14 2.38
N GLN B 393 -15.35 -13.96 1.95
CA GLN B 393 -16.51 -13.27 2.49
C GLN B 393 -17.77 -14.13 2.63
N GLU B 394 -17.97 -15.05 1.70
CA GLU B 394 -19.14 -15.92 1.73
C GLU B 394 -19.22 -16.79 2.98
N ILE B 395 -18.08 -17.08 3.59
CA ILE B 395 -18.09 -17.90 4.80
C ILE B 395 -18.76 -17.17 5.96
N LEU B 396 -18.44 -15.89 6.12
CA LEU B 396 -19.00 -15.09 7.20
C LEU B 396 -20.52 -15.16 7.24
N GLN B 397 -21.13 -15.41 6.10
CA GLN B 397 -22.58 -15.50 6.03
C GLN B 397 -23.08 -16.84 6.54
N LYS B 398 -22.22 -17.85 6.53
CA LYS B 398 -22.62 -19.18 6.97
C LYS B 398 -22.22 -19.55 8.39
N VAL B 399 -21.48 -18.64 9.03
CA VAL B 399 -21.02 -18.90 10.40
C VAL B 399 -22.03 -18.58 11.50
N GLU B 400 -21.86 -19.24 12.63
CA GLU B 400 -22.71 -19.04 13.79
C GLU B 400 -21.86 -18.30 14.80
N VAL B 401 -22.34 -17.15 15.26
CA VAL B 401 -21.58 -16.37 16.21
C VAL B 401 -21.78 -16.85 17.63
N GLU B 402 -20.68 -17.12 18.31
CA GLU B 402 -20.74 -17.56 19.70
C GLU B 402 -20.65 -16.31 20.56
N TYR B 403 -21.70 -16.08 21.35
CA TYR B 403 -21.74 -14.90 22.20
C TYR B 403 -21.49 -15.20 23.66
N GLU B 404 -21.17 -14.14 24.41
CA GLU B 404 -21.01 -14.22 25.85
C GLU B 404 -21.91 -13.06 26.27
N THR B 405 -22.68 -13.25 27.32
CA THR B 405 -23.58 -12.19 27.77
C THR B 405 -23.03 -11.53 29.02
N LEU B 406 -22.88 -10.21 28.98
CA LEU B 406 -22.36 -9.48 30.11
C LEU B 406 -23.47 -8.66 30.74
N PRO B 407 -23.41 -8.49 32.07
CA PRO B 407 -24.42 -7.71 32.78
C PRO B 407 -24.25 -6.21 32.50
N GLY B 408 -25.36 -5.54 32.18
CA GLY B 408 -25.30 -4.12 31.90
C GLY B 408 -25.10 -3.31 33.15
N TRP B 409 -24.90 -2.00 33.02
CA TRP B 409 -24.72 -1.18 34.19
C TRP B 409 -25.94 -0.28 34.45
N LYS B 410 -26.83 -0.21 33.48
CA LYS B 410 -28.06 0.59 33.62
C LYS B 410 -27.80 1.89 34.39
N ALA B 411 -26.87 2.68 33.90
CA ALA B 411 -26.52 3.95 34.53
C ALA B 411 -25.98 4.92 33.49
N ASP B 412 -26.06 6.21 33.81
CA ASP B 412 -25.61 7.28 32.93
C ASP B 412 -24.11 7.53 33.06
N THR B 413 -23.34 7.10 32.07
CA THR B 413 -21.88 7.28 32.08
C THR B 413 -21.48 8.56 31.36
N THR B 414 -22.46 9.19 30.73
CA THR B 414 -22.28 10.44 29.98
C THR B 414 -21.45 11.50 30.70
N GLY B 415 -21.61 11.59 32.01
CA GLY B 415 -20.86 12.58 32.77
C GLY B 415 -19.55 12.05 33.32
N ALA B 416 -19.23 10.79 33.04
CA ALA B 416 -17.99 10.21 33.53
C ALA B 416 -16.79 10.89 32.88
N ARG B 417 -15.81 11.25 33.70
CA ARG B 417 -14.61 11.91 33.22
C ARG B 417 -13.34 11.19 33.69
N LYS B 418 -13.50 10.23 34.60
CA LYS B 418 -12.38 9.47 35.13
C LYS B 418 -12.76 8.02 35.35
N TRP B 419 -11.77 7.14 35.32
CA TRP B 419 -11.98 5.71 35.49
C TRP B 419 -12.89 5.35 36.66
N GLU B 420 -12.71 6.05 37.78
CA GLU B 420 -13.49 5.79 38.98
C GLU B 420 -14.99 6.14 38.85
N ASP B 421 -15.32 7.01 37.90
CA ASP B 421 -16.71 7.41 37.70
C ASP B 421 -17.54 6.38 36.95
N LEU B 422 -16.88 5.39 36.36
CA LEU B 422 -17.60 4.36 35.63
C LEU B 422 -18.15 3.30 36.57
N PRO B 423 -19.40 2.87 36.34
CA PRO B 423 -19.99 1.84 37.20
C PRO B 423 -19.34 0.47 36.97
N PRO B 424 -19.29 -0.36 38.01
CA PRO B 424 -18.70 -1.71 37.98
C PRO B 424 -18.90 -2.50 36.69
N GLN B 425 -20.11 -2.53 36.18
CA GLN B 425 -20.38 -3.26 34.94
C GLN B 425 -19.78 -2.56 33.72
N ALA B 426 -19.66 -1.23 33.78
CA ALA B 426 -19.07 -0.47 32.69
C ALA B 426 -17.58 -0.75 32.68
N GLN B 427 -16.96 -0.69 33.86
CA GLN B 427 -15.54 -0.98 33.98
C GLN B 427 -15.25 -2.38 33.48
N SER B 428 -16.09 -3.32 33.86
CA SER B 428 -15.94 -4.71 33.47
C SER B 428 -16.08 -4.86 31.96
N TYR B 429 -16.88 -4.01 31.33
CA TYR B 429 -17.06 -4.09 29.88
C TYR B 429 -15.75 -3.68 29.23
N VAL B 430 -15.16 -2.60 29.72
CA VAL B 430 -13.88 -2.11 29.21
C VAL B 430 -12.80 -3.19 29.33
N ARG B 431 -12.74 -3.82 30.51
CA ARG B 431 -11.77 -4.87 30.74
C ARG B 431 -11.97 -6.05 29.79
N PHE B 432 -13.24 -6.36 29.50
CA PHE B 432 -13.54 -7.47 28.62
C PHE B 432 -12.94 -7.22 27.24
N VAL B 433 -12.95 -5.97 26.82
CA VAL B 433 -12.40 -5.61 25.52
C VAL B 433 -10.89 -5.76 25.56
N GLU B 434 -10.24 -5.16 26.57
CA GLU B 434 -8.78 -5.24 26.71
C GLU B 434 -8.32 -6.68 26.74
N ASN B 435 -8.81 -7.42 27.73
CA ASN B 435 -8.45 -8.81 27.93
C ASN B 435 -8.51 -9.69 26.70
N HIS B 436 -9.63 -9.61 25.97
CA HIS B 436 -9.80 -10.43 24.79
C HIS B 436 -9.08 -9.97 23.53
N MET B 437 -8.63 -8.72 23.50
CA MET B 437 -7.90 -8.23 22.34
C MET B 437 -6.42 -8.34 22.62
N GLY B 438 -6.06 -8.22 23.90
CA GLY B 438 -4.66 -8.30 24.29
C GLY B 438 -4.02 -6.93 24.22
N VAL B 439 -4.86 -5.91 24.07
CA VAL B 439 -4.40 -4.52 23.97
C VAL B 439 -5.10 -3.69 25.04
N ALA B 440 -4.35 -2.78 25.66
CA ALA B 440 -4.90 -1.93 26.70
C ALA B 440 -5.76 -0.79 26.17
N VAL B 441 -6.83 -0.48 26.91
CA VAL B 441 -7.71 0.62 26.55
C VAL B 441 -7.09 1.88 27.15
N LYS B 442 -6.88 2.90 26.33
CA LYS B 442 -6.28 4.13 26.81
C LYS B 442 -7.33 5.25 26.92
N TRP B 443 -8.36 5.17 26.09
CA TRP B 443 -9.44 6.17 26.13
C TRP B 443 -10.79 5.51 26.04
N VAL B 444 -11.73 6.04 26.82
CA VAL B 444 -13.11 5.56 26.81
C VAL B 444 -14.00 6.74 26.43
N GLY B 445 -14.76 6.60 25.36
CA GLY B 445 -15.64 7.67 24.94
C GLY B 445 -17.03 7.52 25.52
N VAL B 446 -17.54 8.59 26.13
CA VAL B 446 -18.88 8.57 26.72
C VAL B 446 -19.73 9.72 26.17
N GLY B 447 -19.30 10.30 25.04
CA GLY B 447 -20.04 11.40 24.45
C GLY B 447 -19.40 11.91 23.17
N LYS B 448 -20.16 12.67 22.40
CA LYS B 448 -19.68 13.20 21.12
C LYS B 448 -18.58 14.24 21.20
N SER B 449 -18.71 15.18 22.13
CA SER B 449 -17.73 16.25 22.28
C SER B 449 -16.35 15.83 22.80
N ARG B 450 -15.39 16.73 22.60
CA ARG B 450 -14.00 16.53 23.02
C ARG B 450 -13.81 16.23 24.50
N GLU B 451 -14.59 16.87 25.36
CA GLU B 451 -14.46 16.64 26.79
C GLU B 451 -15.12 15.36 27.27
N SER B 452 -16.01 14.79 26.46
CA SER B 452 -16.69 13.56 26.86
C SER B 452 -15.75 12.37 26.63
N MET B 453 -14.64 12.36 27.35
CA MET B 453 -13.64 11.31 27.24
C MET B 453 -12.97 11.00 28.56
N ILE B 454 -12.54 9.77 28.71
CA ILE B 454 -11.84 9.32 29.90
C ILE B 454 -10.50 8.74 29.45
N GLN B 455 -9.40 9.23 30.00
CA GLN B 455 -8.10 8.68 29.65
C GLN B 455 -7.69 7.78 30.82
N LEU B 456 -7.38 6.51 30.52
CA LEU B 456 -7.01 5.57 31.57
C LEU B 456 -5.52 5.54 31.93
N PHE B 457 -4.68 6.09 31.06
CA PHE B 457 -3.23 6.15 31.32
C PHE B 457 -2.48 6.97 30.28
#